data_4Q45
#
_entry.id   4Q45
#
_cell.length_a   85.500
_cell.length_b   57.900
_cell.length_c   111.040
_cell.angle_alpha   90.00
_cell.angle_beta   90.44
_cell.angle_gamma   90.00
#
_symmetry.space_group_name_H-M   'P 1 21 1'
#
loop_
_entity.id
_entity.type
_entity.pdbx_description
1 polymer 'DNA polymerase IV'
2 polymer "DNA (5'-D(*TP*CP*TP*AP*GP*GP*(RDG)P*TP*CP*CP*TP*AP*GP*GP*AP*CP*CP*C)-3')"
3 polymer "DNA (5'-D(*TP*CP*TP*A*GP*GP*GP*TP*CP*CP*TP*AP*GP*GP*AP*CP*CP*C)-3')"
4 non-polymer "5'-O-[(R)-hydroxy{[(R)-hydroxy(phosphonooxy)phosphoryl]amino}phosphoryl]thymidine"
5 non-polymer 'MAGNESIUM ION'
6 water water
#
loop_
_entity_poly.entity_id
_entity_poly.type
_entity_poly.pdbx_seq_one_letter_code
_entity_poly.pdbx_strand_id
1 'polypeptide(L)'
;GSRKIIHVDMDCFFAAVEMRDNPALRDIPIAIGGSRERRGVISTANYPARKFGVRSAMPTGMALALCPHLTLLPGRFDAY
KEASNHIREIFSRYTSRIEPLSLDEAYLDVTDSVHCHGSATLIAQEIRQTIFNELQLTASAGVAPVKFLAKIASDMNKPN
GQFVITPAEVPAFLQTLPLAKIPGVGKVSAAKLEAMGLRTCGDVQACDLVMLLKRFGKFGRILWERSQGIDERDVNSERL
RKSVGVERTMAEDIHHWSECEAIIERLYPELERRLAKVKPDLLIARQGVKLKFDDFQQTTQEHVWPRLNKADLIATARKT
WDERRGGRGVRLVGLHVTLLDP
;
F,A
2 'polydeoxyribonucleotide' (DT)(DC)(DT)(DA)(DG)(DG)(RDG)(DT)(DC)(DC)(DT)(DA)(DG)(DG)(DA)(DC)(DC)(DC) G,B
3 'polydeoxyribonucleotide' (DT)(DC)(DT)(DA)(DG)(DG)(DG)(DT)(DC)(DC)(DT)(DA)(DG)(DG)(DA)(DC)(DC)(DC) H,C
#
loop_
_chem_comp.id
_chem_comp.type
_chem_comp.name
_chem_comp.formula
1FZ non-polymer 5'-O-[(R)-hydroxy{[(R)-hydroxy(phosphonooxy)phosphoryl]amino}phosphoryl]thymidine 'C10 H18 N3 O13 P3'
DA DNA linking 2'-DEOXYADENOSINE-5'-MONOPHOSPHATE 'C10 H14 N5 O6 P'
DC DNA linking 2'-DEOXYCYTIDINE-5'-MONOPHOSPHATE 'C9 H14 N3 O7 P'
DG DNA linking 2'-DEOXYGUANOSINE-5'-MONOPHOSPHATE 'C10 H14 N5 O7 P'
DT DNA linking THYMIDINE-5'-MONOPHOSPHATE 'C10 H15 N2 O8 P'
MG non-polymer 'MAGNESIUM ION' 'Mg 2'
RDG DNA linking '2'-deoxy-N-(furan-2-ylmethyl)guanosine 5'-(dihydrogen phosphate)' 'C15 H18 N5 O8 P'
#
# COMPACT_ATOMS: atom_id res chain seq x y z
N GLY A 1 -34.69 4.45 -29.16
CA GLY A 1 -33.42 4.95 -28.65
C GLY A 1 -32.49 3.85 -28.18
N SER A 2 -33.02 2.63 -28.10
CA SER A 2 -32.22 1.47 -27.71
C SER A 2 -31.54 0.86 -28.93
N ARG A 3 -30.22 0.69 -28.83
CA ARG A 3 -29.41 0.31 -29.99
C ARG A 3 -29.19 -1.19 -30.09
N LYS A 4 -28.57 -1.61 -31.18
CA LYS A 4 -28.24 -3.02 -31.40
C LYS A 4 -26.73 -3.14 -31.61
N ILE A 5 -26.02 -3.52 -30.55
CA ILE A 5 -24.56 -3.59 -30.59
C ILE A 5 -24.05 -5.02 -30.64
N ILE A 6 -23.14 -5.28 -31.56
CA ILE A 6 -22.50 -6.57 -31.68
C ILE A 6 -21.02 -6.44 -31.32
N HIS A 7 -20.50 -7.37 -30.53
CA HIS A 7 -19.05 -7.45 -30.32
C HIS A 7 -18.59 -8.76 -30.89
N VAL A 8 -17.61 -8.72 -31.79
CA VAL A 8 -17.09 -9.94 -32.38
C VAL A 8 -15.65 -10.13 -31.93
N ASP A 9 -15.33 -11.38 -31.56
CA ASP A 9 -14.06 -11.71 -30.92
C ASP A 9 -13.62 -13.09 -31.40
N MET A 10 -12.48 -13.16 -32.08
CA MET A 10 -11.96 -14.43 -32.59
C MET A 10 -11.51 -15.34 -31.44
N ASP A 11 -11.70 -16.65 -31.61
CA ASP A 11 -11.32 -17.63 -30.59
C ASP A 11 -9.83 -17.95 -30.65
N CYS A 12 -9.16 -17.96 -29.51
CA CYS A 12 -7.74 -18.35 -29.40
C CYS A 12 -6.90 -17.82 -30.55
N PHE A 13 -7.06 -16.52 -30.83
CA PHE A 13 -6.72 -15.94 -32.14
C PHE A 13 -5.41 -16.40 -32.78
N PHE A 14 -4.29 -16.00 -32.19
CA PHE A 14 -2.98 -16.34 -32.75
C PHE A 14 -2.87 -17.87 -32.89
N ALA A 15 -3.20 -18.57 -31.82
CA ALA A 15 -3.16 -20.03 -31.81
C ALA A 15 -4.06 -20.63 -32.88
N ALA A 16 -5.26 -20.07 -33.04
CA ALA A 16 -6.19 -20.56 -34.05
C ALA A 16 -5.58 -20.46 -35.46
N VAL A 17 -5.03 -19.29 -35.79
CA VAL A 17 -4.30 -19.12 -37.05
C VAL A 17 -3.17 -20.15 -37.22
N GLU A 18 -2.40 -20.36 -36.16
CA GLU A 18 -1.28 -21.31 -36.23
C GLU A 18 -1.72 -22.76 -36.41
N MET A 19 -2.92 -23.08 -35.92
CA MET A 19 -3.48 -24.43 -36.05
C MET A 19 -4.08 -24.64 -37.44
N ARG A 20 -4.73 -23.62 -37.98
CA ARG A 20 -5.22 -23.68 -39.35
C ARG A 20 -4.06 -23.89 -40.32
N ASP A 21 -3.00 -23.12 -40.13
CA ASP A 21 -1.86 -23.21 -41.05
C ASP A 21 -0.96 -24.44 -40.78
N ASN A 22 -1.12 -25.05 -39.61
CA ASN A 22 -0.44 -26.33 -39.31
C ASN A 22 -1.31 -27.22 -38.43
N PRO A 23 -2.19 -28.02 -39.05
CA PRO A 23 -3.10 -28.96 -38.38
C PRO A 23 -2.40 -29.96 -37.45
N ALA A 24 -1.08 -30.09 -37.56
CA ALA A 24 -0.33 -30.97 -36.65
C ALA A 24 -0.26 -30.39 -35.24
N LEU A 25 -0.66 -29.13 -35.12
CA LEU A 25 -0.68 -28.43 -33.84
C LEU A 25 -2.08 -28.44 -33.22
N ARG A 26 -3.01 -29.11 -33.88
CA ARG A 26 -4.43 -29.02 -33.51
C ARG A 26 -4.79 -29.62 -32.15
N ASP A 27 -4.24 -30.79 -31.82
CA ASP A 27 -4.69 -31.48 -30.61
C ASP A 27 -3.59 -31.60 -29.56
N ILE A 28 -2.52 -30.83 -29.75
CA ILE A 28 -1.44 -30.72 -28.77
C ILE A 28 -1.42 -29.33 -28.16
N PRO A 29 -0.98 -29.21 -26.90
CA PRO A 29 -0.91 -27.91 -26.25
C PRO A 29 0.13 -27.01 -26.90
N ILE A 30 -0.32 -25.90 -27.50
CA ILE A 30 0.59 -24.93 -28.10
C ILE A 30 0.37 -23.56 -27.48
N ALA A 31 1.38 -22.70 -27.58
CA ALA A 31 1.26 -21.33 -27.08
C ALA A 31 2.16 -20.42 -27.88
N ILE A 32 1.71 -19.19 -28.10
CA ILE A 32 2.54 -18.15 -28.66
C ILE A 32 3.06 -17.31 -27.50
N GLY A 33 4.40 -17.27 -27.41
CA GLY A 33 5.11 -16.53 -26.38
C GLY A 33 6.62 -16.68 -26.53
N GLY A 34 7.38 -15.81 -25.88
CA GLY A 34 8.83 -15.91 -25.91
C GLY A 34 9.34 -17.06 -25.05
N SER A 35 10.57 -17.51 -25.30
CA SER A 35 11.14 -18.61 -24.55
C SER A 35 11.44 -18.21 -23.11
N ARG A 36 11.55 -19.19 -22.22
CA ARG A 36 11.90 -18.94 -20.82
C ARG A 36 13.25 -18.23 -20.70
N GLU A 37 14.22 -18.70 -21.49
CA GLU A 37 15.56 -18.15 -21.51
C GLU A 37 15.59 -16.66 -21.89
N ARG A 38 14.54 -16.21 -22.57
CA ARG A 38 14.45 -14.80 -22.98
C ARG A 38 13.43 -14.05 -22.14
N ARG A 39 13.16 -14.58 -20.95
CA ARG A 39 12.21 -13.97 -20.02
C ARG A 39 10.86 -13.69 -20.69
N GLY A 40 10.39 -14.65 -21.48
CA GLY A 40 9.18 -14.44 -22.26
C GLY A 40 7.90 -14.65 -21.47
N VAL A 41 6.78 -14.23 -22.04
CA VAL A 41 5.47 -14.56 -21.49
C VAL A 41 4.57 -15.05 -22.60
N ILE A 42 3.50 -15.74 -22.21
CA ILE A 42 2.53 -16.27 -23.14
C ILE A 42 1.64 -15.18 -23.75
N SER A 43 1.68 -15.04 -25.07
CA SER A 43 0.74 -14.17 -25.77
C SER A 43 -0.62 -14.84 -25.74
N THR A 44 -0.66 -16.12 -26.14
CA THR A 44 -1.89 -16.91 -25.95
C THR A 44 -1.67 -18.41 -26.08
N ALA A 45 -2.71 -19.18 -25.79
CA ALA A 45 -2.61 -20.63 -25.82
C ALA A 45 -3.89 -21.25 -26.39
N ASN A 46 -3.75 -22.43 -27.01
CA ASN A 46 -4.91 -23.16 -27.48
C ASN A 46 -5.61 -23.86 -26.31
N TYR A 47 -6.78 -24.45 -26.58
CA TYR A 47 -7.52 -25.13 -25.52
C TYR A 47 -6.79 -26.32 -24.85
N PRO A 48 -6.10 -27.17 -25.63
CA PRO A 48 -5.27 -28.19 -24.99
C PRO A 48 -4.26 -27.61 -23.99
N ALA A 49 -3.70 -26.44 -24.28
CA ALA A 49 -2.77 -25.80 -23.34
C ALA A 49 -3.50 -25.22 -22.15
N ARG A 50 -4.62 -24.53 -22.40
CA ARG A 50 -5.40 -23.89 -21.35
C ARG A 50 -5.90 -24.90 -20.33
N LYS A 51 -6.15 -26.13 -20.79
CA LYS A 51 -6.53 -27.22 -19.90
C LYS A 51 -5.50 -27.41 -18.77
N PHE A 52 -4.24 -27.13 -19.08
CA PHE A 52 -3.16 -27.26 -18.11
C PHE A 52 -2.99 -26.01 -17.25
N GLY A 53 -3.77 -24.97 -17.54
CA GLY A 53 -3.67 -23.73 -16.77
C GLY A 53 -2.90 -22.63 -17.48
N VAL A 54 -2.30 -22.94 -18.62
CA VAL A 54 -1.58 -21.94 -19.40
C VAL A 54 -2.52 -20.82 -19.86
N ARG A 55 -2.16 -19.58 -19.54
CA ARG A 55 -3.01 -18.41 -19.82
C ARG A 55 -2.18 -17.29 -20.43
N SER A 56 -2.84 -16.38 -21.12
CA SER A 56 -2.17 -15.18 -21.64
C SER A 56 -1.55 -14.40 -20.48
N ALA A 57 -0.42 -13.74 -20.75
CA ALA A 57 0.29 -12.94 -19.77
C ALA A 57 1.01 -13.75 -18.69
N MET A 58 0.91 -15.07 -18.77
CA MET A 58 1.65 -15.94 -17.86
C MET A 58 3.12 -15.99 -18.29
N PRO A 59 4.05 -15.84 -17.34
CA PRO A 59 5.46 -16.01 -17.68
C PRO A 59 5.69 -17.41 -18.26
N THR A 60 6.53 -17.54 -19.28
CA THR A 60 6.72 -18.82 -19.96
C THR A 60 7.24 -19.94 -19.04
N GLY A 61 8.05 -19.56 -18.05
CA GLY A 61 8.51 -20.51 -17.04
C GLY A 61 7.39 -21.23 -16.35
N MET A 62 6.41 -20.47 -15.86
CA MET A 62 5.26 -21.05 -15.16
C MET A 62 4.47 -21.94 -16.11
N ALA A 63 4.28 -21.46 -17.34
CA ALA A 63 3.55 -22.19 -18.35
C ALA A 63 4.14 -23.56 -18.60
N LEU A 64 5.48 -23.62 -18.67
CA LEU A 64 6.17 -24.88 -18.89
C LEU A 64 6.12 -25.78 -17.65
N ALA A 65 6.22 -25.18 -16.47
CA ALA A 65 6.06 -25.96 -15.24
C ALA A 65 4.67 -26.62 -15.19
N LEU A 66 3.68 -25.90 -15.69
CA LEU A 66 2.31 -26.39 -15.75
C LEU A 66 2.10 -27.38 -16.89
N CYS A 67 2.74 -27.11 -18.02
CA CYS A 67 2.57 -27.92 -19.23
C CYS A 67 3.92 -28.19 -19.88
N PRO A 68 4.64 -29.21 -19.40
CA PRO A 68 6.00 -29.55 -19.85
C PRO A 68 6.11 -29.83 -21.34
N HIS A 69 5.06 -30.37 -21.94
CA HIS A 69 5.10 -30.74 -23.36
C HIS A 69 4.54 -29.63 -24.26
N LEU A 70 4.41 -28.44 -23.69
CA LEU A 70 3.93 -27.27 -24.43
C LEU A 70 4.80 -26.97 -25.64
N THR A 71 4.19 -26.90 -26.82
CA THR A 71 4.90 -26.49 -28.01
C THR A 71 4.84 -24.96 -28.10
N LEU A 72 6.02 -24.33 -28.07
CA LEU A 72 6.10 -22.87 -28.00
C LEU A 72 6.39 -22.25 -29.36
N LEU A 73 5.56 -21.28 -29.77
CA LEU A 73 5.69 -20.64 -31.09
C LEU A 73 6.04 -19.16 -31.00
N PRO A 74 6.89 -18.68 -31.91
CA PRO A 74 7.38 -17.29 -31.88
C PRO A 74 6.36 -16.25 -32.31
N GLY A 75 5.40 -16.64 -33.15
CA GLY A 75 4.40 -15.71 -33.63
C GLY A 75 4.64 -15.31 -35.07
N ARG A 76 3.55 -15.10 -35.82
CA ARG A 76 3.64 -14.69 -37.23
C ARG A 76 2.62 -13.58 -37.47
N PHE A 77 3.04 -12.34 -37.21
CA PHE A 77 2.09 -11.24 -37.08
C PHE A 77 1.45 -10.77 -38.38
N ASP A 78 2.14 -10.98 -39.50
CA ASP A 78 1.54 -10.62 -40.80
C ASP A 78 0.34 -11.51 -41.11
N ALA A 79 0.43 -12.78 -40.74
CA ALA A 79 -0.70 -13.70 -40.91
C ALA A 79 -1.91 -13.26 -40.08
N TYR A 80 -1.66 -12.92 -38.82
CA TYR A 80 -2.73 -12.49 -37.91
C TYR A 80 -3.33 -11.20 -38.46
N LYS A 81 -2.49 -10.34 -39.00
CA LYS A 81 -2.94 -9.06 -39.56
C LYS A 81 -3.79 -9.29 -40.80
N GLU A 82 -3.44 -10.32 -41.57
CA GLU A 82 -4.20 -10.71 -42.75
C GLU A 82 -5.59 -11.14 -42.33
N ALA A 83 -5.66 -12.01 -41.32
CA ALA A 83 -6.94 -12.45 -40.79
C ALA A 83 -7.77 -11.27 -40.33
N SER A 84 -7.13 -10.34 -39.63
CA SER A 84 -7.80 -9.15 -39.13
C SER A 84 -8.40 -8.30 -40.24
N ASN A 85 -7.58 -7.95 -41.23
CA ASN A 85 -8.05 -7.19 -42.37
C ASN A 85 -9.26 -7.87 -43.00
N HIS A 86 -9.14 -9.19 -43.20
CA HIS A 86 -10.22 -9.96 -43.80
C HIS A 86 -11.54 -9.85 -43.02
N ILE A 87 -11.49 -10.13 -41.71
CA ILE A 87 -12.72 -10.07 -40.92
C ILE A 87 -13.30 -8.66 -40.84
N ARG A 88 -12.45 -7.65 -40.90
CA ARG A 88 -12.95 -6.27 -40.93
C ARG A 88 -13.64 -5.98 -42.26
N GLU A 89 -13.16 -6.60 -43.33
CA GLU A 89 -13.81 -6.52 -44.63
C GLU A 89 -15.19 -7.17 -44.56
N ILE A 90 -15.26 -8.33 -43.91
CA ILE A 90 -16.54 -9.00 -43.66
C ILE A 90 -17.50 -8.10 -42.87
N PHE A 91 -17.00 -7.47 -41.82
CA PHE A 91 -17.80 -6.54 -41.03
C PHE A 91 -18.37 -5.43 -41.92
N SER A 92 -17.56 -4.97 -42.87
CA SER A 92 -17.98 -3.86 -43.75
C SER A 92 -19.19 -4.16 -44.65
N ARG A 93 -19.53 -5.44 -44.82
CA ARG A 93 -20.66 -5.82 -45.65
C ARG A 93 -22.02 -5.54 -44.99
N TYR A 94 -22.04 -5.50 -43.66
CA TYR A 94 -23.29 -5.36 -42.91
C TYR A 94 -23.51 -3.96 -42.39
N THR A 95 -22.41 -3.21 -42.24
CA THR A 95 -22.47 -1.88 -41.67
C THR A 95 -21.14 -1.15 -41.86
N SER A 96 -21.18 0.17 -41.71
CA SER A 96 -19.97 0.98 -41.75
C SER A 96 -19.67 1.49 -40.35
N ARG A 97 -20.58 1.21 -39.42
CA ARG A 97 -20.39 1.57 -38.02
C ARG A 97 -19.55 0.50 -37.32
N ILE A 98 -18.24 0.53 -37.57
CA ILE A 98 -17.32 -0.48 -37.04
C ILE A 98 -16.19 0.13 -36.22
N GLU A 99 -16.03 -0.33 -35.00
CA GLU A 99 -14.90 0.09 -34.15
C GLU A 99 -13.99 -1.09 -33.83
N PRO A 100 -12.87 -1.20 -34.55
CA PRO A 100 -11.89 -2.24 -34.21
C PRO A 100 -11.23 -1.89 -32.88
N LEU A 101 -11.00 -2.88 -32.03
CA LEU A 101 -10.42 -2.63 -30.71
C LEU A 101 -9.03 -3.24 -30.63
N SER A 102 -8.71 -4.04 -31.65
CA SER A 102 -7.51 -4.85 -31.70
C SER A 102 -7.61 -5.64 -32.99
N LEU A 103 -6.59 -6.45 -33.29
CA LEU A 103 -6.60 -7.30 -34.47
C LEU A 103 -7.87 -8.15 -34.57
N ASP A 104 -8.25 -8.79 -33.45
CA ASP A 104 -9.24 -9.86 -33.46
C ASP A 104 -10.62 -9.47 -32.91
N GLU A 105 -10.81 -8.20 -32.57
CA GLU A 105 -12.05 -7.77 -31.93
C GLU A 105 -12.66 -6.56 -32.64
N ALA A 106 -13.98 -6.43 -32.55
CA ALA A 106 -14.65 -5.23 -33.09
C ALA A 106 -16.07 -5.00 -32.57
N TYR A 107 -16.44 -3.73 -32.44
CA TYR A 107 -17.83 -3.35 -32.18
C TYR A 107 -18.52 -3.02 -33.50
N LEU A 108 -19.77 -3.42 -33.63
CA LEU A 108 -20.60 -3.07 -34.79
C LEU A 108 -21.92 -2.51 -34.26
N ASP A 109 -22.31 -1.34 -34.75
CA ASP A 109 -23.61 -0.77 -34.39
C ASP A 109 -24.57 -1.05 -35.55
N VAL A 110 -25.40 -2.07 -35.38
CA VAL A 110 -26.32 -2.49 -36.43
C VAL A 110 -27.75 -2.04 -36.17
N THR A 111 -27.91 -1.06 -35.27
CA THR A 111 -29.21 -0.50 -34.92
C THR A 111 -30.02 -0.11 -36.14
N ASP A 112 -29.34 0.47 -37.12
CA ASP A 112 -29.99 0.91 -38.34
C ASP A 112 -29.56 0.08 -39.54
N SER A 113 -29.58 -1.24 -39.38
CA SER A 113 -29.28 -2.15 -40.48
C SER A 113 -30.54 -2.80 -41.03
N VAL A 114 -30.50 -3.08 -42.33
CA VAL A 114 -31.62 -3.69 -43.03
C VAL A 114 -31.31 -5.15 -43.33
N HIS A 115 -30.08 -5.55 -43.03
CA HIS A 115 -29.66 -6.93 -43.16
C HIS A 115 -30.41 -7.83 -42.19
N CYS A 116 -30.71 -9.05 -42.63
CA CYS A 116 -31.29 -10.08 -41.76
C CYS A 116 -32.54 -9.59 -41.02
N HIS A 117 -33.36 -8.80 -41.71
CA HIS A 117 -34.62 -8.28 -41.16
C HIS A 117 -34.41 -7.46 -39.88
N GLY A 118 -33.22 -6.92 -39.71
CA GLY A 118 -32.91 -6.13 -38.53
C GLY A 118 -32.64 -6.96 -37.29
N SER A 119 -32.49 -8.27 -37.48
CA SER A 119 -32.18 -9.18 -36.39
C SER A 119 -30.68 -9.18 -36.07
N ALA A 120 -30.32 -8.61 -34.93
CA ALA A 120 -28.94 -8.54 -34.51
C ALA A 120 -28.36 -9.93 -34.28
N THR A 121 -29.19 -10.83 -33.75
CA THR A 121 -28.80 -12.22 -33.51
C THR A 121 -28.40 -12.92 -34.80
N LEU A 122 -29.23 -12.75 -35.83
CA LEU A 122 -28.96 -13.35 -37.13
C LEU A 122 -27.77 -12.70 -37.85
N ILE A 123 -27.68 -11.37 -37.79
CA ILE A 123 -26.52 -10.65 -38.33
C ILE A 123 -25.23 -11.20 -37.72
N ALA A 124 -25.22 -11.32 -36.40
CA ALA A 124 -24.07 -11.84 -35.67
C ALA A 124 -23.71 -13.28 -36.06
N GLN A 125 -24.71 -14.16 -36.04
CA GLN A 125 -24.50 -15.57 -36.35
C GLN A 125 -24.04 -15.71 -37.80
N GLU A 126 -24.50 -14.80 -38.65
CA GLU A 126 -24.14 -14.81 -40.06
C GLU A 126 -22.72 -14.27 -40.23
N ILE A 127 -22.29 -13.41 -39.32
CA ILE A 127 -20.93 -12.89 -39.36
C ILE A 127 -19.95 -13.93 -38.84
N ARG A 128 -20.36 -14.70 -37.82
CA ARG A 128 -19.56 -15.82 -37.34
C ARG A 128 -19.42 -16.87 -38.43
N GLN A 129 -20.54 -17.24 -39.06
CA GLN A 129 -20.48 -17.93 -40.34
C GLN A 129 -19.85 -16.94 -41.33
N THR A 130 -19.51 -17.38 -42.54
CA THR A 130 -18.63 -16.61 -43.44
C THR A 130 -17.28 -16.09 -42.89
N ILE A 131 -17.09 -15.99 -41.57
CA ILE A 131 -15.74 -15.86 -41.03
C ILE A 131 -15.14 -17.26 -40.97
N PHE A 132 -15.97 -18.23 -40.61
CA PHE A 132 -15.52 -19.62 -40.61
C PHE A 132 -15.37 -20.14 -42.04
N ASN A 133 -16.30 -19.76 -42.91
CA ASN A 133 -16.06 -19.86 -44.33
C ASN A 133 -15.05 -18.75 -44.65
N GLU A 134 -14.49 -18.72 -45.84
CA GLU A 134 -13.48 -17.71 -46.19
C GLU A 134 -12.16 -17.81 -45.41
N LEU A 135 -12.22 -17.93 -44.08
CA LEU A 135 -11.00 -17.92 -43.24
C LEU A 135 -10.66 -19.22 -42.51
N GLN A 136 -11.65 -20.07 -42.29
CA GLN A 136 -11.45 -21.29 -41.50
C GLN A 136 -10.96 -20.98 -40.07
N LEU A 137 -11.43 -19.87 -39.52
CA LEU A 137 -11.23 -19.54 -38.12
C LEU A 137 -12.61 -19.36 -37.49
N THR A 138 -12.74 -19.62 -36.20
CA THR A 138 -14.01 -19.41 -35.51
C THR A 138 -14.03 -18.11 -34.73
N ALA A 139 -15.18 -17.46 -34.72
CA ALA A 139 -15.38 -16.27 -33.92
C ALA A 139 -16.48 -16.51 -32.91
N SER A 140 -16.54 -15.68 -31.88
CA SER A 140 -17.64 -15.66 -30.95
C SER A 140 -18.18 -14.25 -30.96
N ALA A 141 -19.41 -14.08 -30.46
CA ALA A 141 -20.05 -12.77 -30.52
C ALA A 141 -20.98 -12.51 -29.34
N GLY A 142 -21.12 -11.23 -29.00
CA GLY A 142 -22.07 -10.82 -27.99
C GLY A 142 -23.02 -9.83 -28.61
N VAL A 143 -24.29 -9.89 -28.22
CA VAL A 143 -25.29 -8.97 -28.73
C VAL A 143 -25.97 -8.31 -27.52
N ALA A 144 -25.95 -6.98 -27.48
CA ALA A 144 -26.47 -6.26 -26.32
C ALA A 144 -26.91 -4.86 -26.72
N PRO A 145 -27.68 -4.18 -25.84
CA PRO A 145 -28.10 -2.81 -26.14
C PRO A 145 -26.95 -1.80 -26.06
N VAL A 146 -25.85 -2.18 -25.40
CA VAL A 146 -24.70 -1.27 -25.26
C VAL A 146 -23.36 -2.00 -25.40
N LYS A 147 -22.29 -1.23 -25.51
CA LYS A 147 -20.95 -1.76 -25.76
C LYS A 147 -20.47 -2.79 -24.74
N PHE A 148 -20.40 -2.39 -23.47
CA PHE A 148 -19.75 -3.21 -22.45
C PHE A 148 -20.47 -4.53 -22.20
N LEU A 149 -21.79 -4.52 -22.37
CA LEU A 149 -22.57 -5.74 -22.25
C LEU A 149 -22.37 -6.64 -23.47
N ALA A 150 -22.20 -6.06 -24.64
CA ALA A 150 -21.89 -6.85 -25.83
C ALA A 150 -20.53 -7.53 -25.67
N LYS A 151 -19.59 -6.80 -25.07
CA LYS A 151 -18.24 -7.32 -24.82
C LYS A 151 -18.28 -8.47 -23.80
N ILE A 152 -18.97 -8.26 -22.68
CA ILE A 152 -19.14 -9.32 -21.70
C ILE A 152 -19.81 -10.55 -22.32
N ALA A 153 -20.82 -10.29 -23.16
CA ALA A 153 -21.59 -11.35 -23.79
C ALA A 153 -20.77 -12.18 -24.78
N SER A 154 -19.87 -11.54 -25.52
CA SER A 154 -19.06 -12.29 -26.49
C SER A 154 -18.19 -13.34 -25.80
N ASP A 155 -17.89 -13.10 -24.52
CA ASP A 155 -17.07 -14.00 -23.72
C ASP A 155 -17.87 -15.13 -23.07
N MET A 156 -19.20 -14.97 -23.03
CA MET A 156 -20.07 -15.86 -22.28
C MET A 156 -20.17 -17.28 -22.87
N ASN A 157 -20.16 -17.37 -24.20
CA ASN A 157 -20.40 -18.64 -24.86
C ASN A 157 -19.34 -19.03 -25.90
N LYS A 158 -18.07 -18.75 -25.60
CA LYS A 158 -16.97 -19.13 -26.48
C LYS A 158 -16.44 -20.51 -26.09
N PRO A 159 -15.82 -21.23 -27.03
CA PRO A 159 -15.55 -20.86 -28.43
C PRO A 159 -16.71 -21.13 -29.37
N ASN A 160 -16.64 -20.55 -30.57
CA ASN A 160 -17.62 -20.75 -31.64
C ASN A 160 -19.06 -20.72 -31.18
N GLY A 161 -19.42 -19.67 -30.45
CA GLY A 161 -20.78 -19.50 -29.99
C GLY A 161 -21.04 -18.02 -29.78
N GLN A 162 -22.29 -17.66 -29.56
CA GLN A 162 -22.62 -16.27 -29.27
C GLN A 162 -23.57 -16.19 -28.08
N PHE A 163 -23.70 -14.99 -27.51
CA PHE A 163 -24.65 -14.79 -26.43
C PHE A 163 -25.41 -13.46 -26.58
N VAL A 164 -26.71 -13.51 -26.39
CA VAL A 164 -27.56 -12.35 -26.55
C VAL A 164 -28.12 -11.84 -25.21
N ILE A 165 -27.98 -10.54 -24.97
CA ILE A 165 -28.57 -9.90 -23.79
C ILE A 165 -29.58 -8.85 -24.24
N THR A 166 -30.87 -9.13 -24.03
CA THR A 166 -31.92 -8.19 -24.38
C THR A 166 -32.12 -7.22 -23.22
N PRO A 167 -32.74 -6.06 -23.48
CA PRO A 167 -33.02 -5.07 -22.41
C PRO A 167 -33.75 -5.69 -21.23
N ALA A 168 -34.74 -6.53 -21.53
CA ALA A 168 -35.54 -7.20 -20.50
C ALA A 168 -34.66 -8.01 -19.54
N GLU A 169 -33.60 -8.61 -20.06
CA GLU A 169 -32.70 -9.42 -19.25
C GLU A 169 -31.69 -8.59 -18.46
N VAL A 170 -31.55 -7.31 -18.79
CA VAL A 170 -30.46 -6.51 -18.23
C VAL A 170 -30.42 -6.39 -16.69
N PRO A 171 -31.54 -6.04 -16.05
CA PRO A 171 -31.50 -5.91 -14.58
C PRO A 171 -31.08 -7.20 -13.86
N ALA A 172 -31.65 -8.34 -14.26
CA ALA A 172 -31.27 -9.62 -13.68
C ALA A 172 -29.80 -9.95 -13.94
N PHE A 173 -29.36 -9.72 -15.17
CA PHE A 173 -27.97 -9.96 -15.53
C PHE A 173 -26.99 -9.15 -14.69
N LEU A 174 -27.36 -7.90 -14.39
CA LEU A 174 -26.49 -6.98 -13.65
C LEU A 174 -26.40 -7.29 -12.15
N GLN A 175 -27.52 -7.66 -11.53
CA GLN A 175 -27.56 -7.91 -10.09
C GLN A 175 -26.44 -8.83 -9.61
N THR A 176 -26.16 -9.87 -10.38
CA THR A 176 -25.13 -10.86 -10.07
C THR A 176 -23.77 -10.49 -10.64
N LEU A 177 -23.75 -9.64 -11.67
CA LEU A 177 -22.54 -9.31 -12.41
C LEU A 177 -21.41 -8.78 -11.52
N PRO A 178 -20.35 -9.58 -11.35
CA PRO A 178 -19.19 -9.14 -10.58
C PRO A 178 -18.46 -8.01 -11.28
N LEU A 179 -18.11 -6.96 -10.54
CA LEU A 179 -17.53 -5.74 -11.13
C LEU A 179 -16.30 -6.01 -12.00
N ALA A 180 -15.58 -7.10 -11.70
CA ALA A 180 -14.36 -7.43 -12.41
C ALA A 180 -14.61 -7.81 -13.88
N LYS A 181 -15.84 -8.23 -14.18
CA LYS A 181 -16.20 -8.56 -15.56
C LYS A 181 -16.37 -7.31 -16.43
N ILE A 182 -16.61 -6.17 -15.79
CA ILE A 182 -16.73 -4.90 -16.50
C ILE A 182 -15.39 -4.48 -17.10
N PRO A 183 -15.36 -4.25 -18.42
CA PRO A 183 -14.15 -3.79 -19.11
C PRO A 183 -13.69 -2.45 -18.53
N GLY A 184 -12.41 -2.36 -18.17
CA GLY A 184 -11.91 -1.17 -17.52
C GLY A 184 -11.66 -1.40 -16.03
N VAL A 185 -12.34 -2.39 -15.46
CA VAL A 185 -12.11 -2.77 -14.07
C VAL A 185 -11.15 -3.94 -14.01
N GLY A 186 -9.91 -3.66 -13.62
CA GLY A 186 -8.88 -4.69 -13.51
C GLY A 186 -8.69 -5.15 -12.07
N LYS A 187 -7.59 -5.85 -11.82
CA LYS A 187 -7.35 -6.43 -10.50
C LYS A 187 -7.23 -5.42 -9.36
N VAL A 188 -6.54 -4.31 -9.62
CA VAL A 188 -6.35 -3.27 -8.60
C VAL A 188 -7.68 -2.64 -8.19
N SER A 189 -8.43 -2.16 -9.18
CA SER A 189 -9.74 -1.56 -8.92
C SER A 189 -10.69 -2.55 -8.27
N ALA A 190 -10.78 -3.75 -8.83
CA ALA A 190 -11.65 -4.79 -8.30
C ALA A 190 -11.32 -5.11 -6.85
N ALA A 191 -10.03 -5.20 -6.54
CA ALA A 191 -9.59 -5.45 -5.17
C ALA A 191 -9.97 -4.29 -4.24
N LYS A 192 -9.80 -3.07 -4.73
CA LYS A 192 -10.12 -1.88 -3.95
C LYS A 192 -11.62 -1.76 -3.65
N LEU A 193 -12.45 -2.16 -4.60
CA LEU A 193 -13.90 -2.14 -4.42
C LEU A 193 -14.36 -3.30 -3.54
N GLU A 194 -13.74 -4.46 -3.73
CA GLU A 194 -14.06 -5.68 -2.98
C GLU A 194 -13.64 -5.53 -1.52
N ALA A 195 -12.68 -4.66 -1.26
CA ALA A 195 -12.31 -4.32 0.11
C ALA A 195 -13.53 -3.75 0.83
N MET A 196 -14.18 -2.80 0.18
CA MET A 196 -15.38 -2.15 0.72
C MET A 196 -16.67 -2.92 0.41
N GLY A 197 -16.57 -4.25 0.38
CA GLY A 197 -17.74 -5.11 0.26
C GLY A 197 -18.45 -5.08 -1.07
N LEU A 198 -17.90 -4.35 -2.03
CA LEU A 198 -18.52 -4.23 -3.34
C LEU A 198 -17.98 -5.30 -4.31
N ARG A 199 -18.81 -6.30 -4.59
CA ARG A 199 -18.41 -7.38 -5.49
C ARG A 199 -19.10 -7.27 -6.83
N THR A 200 -20.35 -6.83 -6.81
CA THR A 200 -21.20 -6.87 -8.00
C THR A 200 -21.80 -5.51 -8.37
N CYS A 201 -22.42 -5.45 -9.55
CA CYS A 201 -23.15 -4.25 -9.96
C CYS A 201 -24.35 -4.00 -9.04
N GLY A 202 -24.89 -5.08 -8.47
CA GLY A 202 -25.98 -4.97 -7.50
C GLY A 202 -25.59 -4.10 -6.32
N ASP A 203 -24.34 -4.21 -5.87
CA ASP A 203 -23.85 -3.45 -4.73
C ASP A 203 -23.68 -1.97 -5.07
N VAL A 204 -23.16 -1.69 -6.27
CA VAL A 204 -22.94 -0.31 -6.71
C VAL A 204 -24.27 0.42 -6.94
N GLN A 205 -25.31 -0.32 -7.33
CA GLN A 205 -26.64 0.25 -7.48
C GLN A 205 -27.13 0.87 -6.15
N ALA A 206 -26.91 0.14 -5.06
CA ALA A 206 -27.33 0.60 -3.76
C ALA A 206 -26.31 1.57 -3.15
N CYS A 207 -25.37 2.05 -3.96
CA CYS A 207 -24.29 2.88 -3.45
C CYS A 207 -24.48 4.36 -3.73
N ASP A 208 -23.77 5.19 -2.97
CA ASP A 208 -23.84 6.64 -3.10
C ASP A 208 -22.92 7.16 -4.20
N LEU A 209 -23.48 7.89 -5.16
CA LEU A 209 -22.73 8.40 -6.29
C LEU A 209 -21.69 9.43 -5.89
N VAL A 210 -21.96 10.20 -4.83
CA VAL A 210 -21.04 11.26 -4.43
C VAL A 210 -19.78 10.74 -3.72
N MET A 211 -19.91 9.68 -2.92
CA MET A 211 -18.73 9.05 -2.31
C MET A 211 -17.90 8.35 -3.39
N LEU A 212 -18.60 7.75 -4.36
CA LEU A 212 -18.01 7.04 -5.48
C LEU A 212 -17.20 8.00 -6.35
N LEU A 213 -17.79 9.18 -6.59
CA LEU A 213 -17.17 10.24 -7.39
C LEU A 213 -16.00 10.91 -6.65
N LYS A 214 -16.16 11.13 -5.35
CA LYS A 214 -15.09 11.72 -4.58
C LYS A 214 -13.90 10.76 -4.44
N ARG A 215 -14.19 9.47 -4.44
CA ARG A 215 -13.16 8.46 -4.20
C ARG A 215 -12.45 7.99 -5.49
N PHE A 216 -13.20 7.82 -6.56
CA PHE A 216 -12.63 7.30 -7.82
C PHE A 216 -12.65 8.33 -8.95
N GLY A 217 -13.52 9.32 -8.84
CA GLY A 217 -13.66 10.33 -9.88
C GLY A 217 -14.43 9.85 -11.11
N LYS A 218 -13.97 10.31 -12.26
CA LYS A 218 -14.55 9.96 -13.55
C LYS A 218 -14.80 8.45 -13.67
N PHE A 219 -13.83 7.67 -13.19
CA PHE A 219 -13.95 6.23 -13.15
C PHE A 219 -15.12 5.80 -12.26
N GLY A 220 -15.31 6.50 -11.15
CA GLY A 220 -16.42 6.21 -10.25
C GLY A 220 -17.77 6.45 -10.90
N ARG A 221 -17.89 7.57 -11.62
CA ARG A 221 -19.11 7.83 -12.38
C ARG A 221 -19.35 6.70 -13.37
N ILE A 222 -18.30 6.33 -14.11
CA ILE A 222 -18.40 5.22 -15.06
C ILE A 222 -18.88 3.91 -14.39
N LEU A 223 -18.33 3.59 -13.22
CA LEU A 223 -18.69 2.38 -12.51
C LEU A 223 -20.19 2.41 -12.16
N TRP A 224 -20.64 3.55 -11.66
CA TRP A 224 -22.05 3.72 -11.30
C TRP A 224 -22.96 3.51 -12.52
N GLU A 225 -22.63 4.22 -13.60
CA GLU A 225 -23.39 4.13 -14.85
C GLU A 225 -23.47 2.70 -15.40
N ARG A 226 -22.32 2.06 -15.59
CA ARG A 226 -22.28 0.69 -16.12
C ARG A 226 -23.00 -0.27 -15.17
N SER A 227 -22.97 0.03 -13.87
CA SER A 227 -23.71 -0.77 -12.90
C SER A 227 -25.22 -0.61 -13.09
N GLN A 228 -25.65 0.54 -13.61
CA GLN A 228 -27.05 0.74 -13.97
C GLN A 228 -27.32 0.26 -15.40
N GLY A 229 -26.33 -0.36 -16.04
CA GLY A 229 -26.48 -0.80 -17.41
C GLY A 229 -26.37 0.36 -18.40
N ILE A 230 -26.00 1.53 -17.89
CA ILE A 230 -25.87 2.72 -18.73
C ILE A 230 -24.48 2.79 -19.35
N ASP A 231 -24.44 2.93 -20.67
CA ASP A 231 -23.20 3.00 -21.44
C ASP A 231 -23.52 3.63 -22.79
N GLU A 232 -23.37 4.96 -22.85
CA GLU A 232 -23.75 5.74 -24.02
C GLU A 232 -22.62 5.94 -25.01
N ARG A 233 -21.49 5.25 -24.79
CA ARG A 233 -20.39 5.32 -25.74
C ARG A 233 -20.88 4.86 -27.10
N ASP A 234 -20.72 5.71 -28.11
CA ASP A 234 -21.15 5.38 -29.46
C ASP A 234 -20.05 4.60 -30.15
N VAL A 235 -20.40 3.81 -31.15
CA VAL A 235 -19.40 3.12 -31.94
C VAL A 235 -18.74 4.15 -32.88
N ASN A 236 -17.43 4.29 -32.79
CA ASN A 236 -16.71 5.38 -33.45
C ASN A 236 -16.53 5.23 -34.98
N SER A 237 -15.64 4.33 -35.38
CA SER A 237 -15.26 4.05 -36.78
C SER A 237 -14.18 4.97 -37.36
N GLU A 238 -13.91 6.09 -36.69
CA GLU A 238 -12.91 7.03 -37.16
C GLU A 238 -11.84 7.27 -36.10
N ARG A 239 -11.27 6.20 -35.56
CA ARG A 239 -10.20 6.35 -34.57
C ARG A 239 -8.85 6.12 -35.22
N LEU A 240 -7.87 6.88 -34.75
CA LEU A 240 -6.56 6.90 -35.36
C LEU A 240 -5.51 6.54 -34.32
N ARG A 241 -4.49 5.80 -34.74
CA ARG A 241 -3.37 5.49 -33.87
C ARG A 241 -2.73 6.80 -33.43
N LYS A 242 -2.29 6.88 -32.18
CA LYS A 242 -1.73 8.12 -31.65
C LYS A 242 -0.24 8.04 -31.34
N SER A 243 0.30 6.83 -31.35
CA SER A 243 1.69 6.64 -30.94
C SER A 243 2.27 5.38 -31.54
N VAL A 244 3.60 5.28 -31.56
CA VAL A 244 4.28 4.08 -32.05
C VAL A 244 5.43 3.80 -31.10
N GLY A 245 5.58 2.56 -30.66
CA GLY A 245 6.64 2.22 -29.73
C GLY A 245 7.33 0.92 -30.08
N VAL A 246 8.62 0.82 -29.73
CA VAL A 246 9.38 -0.41 -29.91
C VAL A 246 10.25 -0.61 -28.69
N GLU A 247 10.03 -1.68 -27.95
CA GLU A 247 10.84 -1.93 -26.77
C GLU A 247 11.38 -3.34 -26.78
N ARG A 248 12.42 -3.58 -26.00
CA ARG A 248 12.93 -4.94 -25.85
C ARG A 248 13.37 -5.21 -24.41
N THR A 249 12.98 -6.38 -23.92
CA THR A 249 13.48 -6.91 -22.66
C THR A 249 14.63 -7.86 -22.99
N MET A 250 15.78 -7.63 -22.37
CA MET A 250 16.94 -8.50 -22.63
C MET A 250 16.95 -9.71 -21.71
N ALA A 251 17.53 -10.80 -22.19
CA ALA A 251 17.62 -12.05 -21.43
C ALA A 251 18.37 -11.85 -20.11
N GLU A 252 19.31 -10.92 -20.09
CA GLU A 252 20.04 -10.59 -18.87
C GLU A 252 19.99 -9.08 -18.64
N ASP A 253 19.89 -8.66 -17.38
CA ASP A 253 20.00 -7.24 -17.04
C ASP A 253 21.34 -6.67 -17.55
N ILE A 254 21.32 -5.43 -18.03
CA ILE A 254 22.53 -4.76 -18.49
C ILE A 254 22.96 -3.71 -17.47
N HIS A 255 24.27 -3.45 -17.39
CA HIS A 255 24.79 -2.53 -16.37
C HIS A 255 25.75 -1.50 -16.98
N HIS A 256 25.86 -1.49 -18.30
CA HIS A 256 26.77 -0.56 -18.97
C HIS A 256 26.07 0.24 -20.06
N TRP A 257 26.40 1.52 -20.16
CA TRP A 257 25.80 2.38 -21.19
C TRP A 257 26.01 1.85 -22.61
N SER A 258 27.19 1.32 -22.89
CA SER A 258 27.49 0.74 -24.20
C SER A 258 26.46 -0.30 -24.65
N GLU A 259 26.00 -1.12 -23.70
CA GLU A 259 24.99 -2.13 -23.97
C GLU A 259 23.64 -1.51 -24.34
N CYS A 260 23.22 -0.51 -23.57
CA CYS A 260 21.99 0.23 -23.82
C CYS A 260 22.03 0.85 -25.22
N GLU A 261 23.15 1.51 -25.52
CA GLU A 261 23.37 2.15 -26.81
C GLU A 261 23.31 1.15 -27.96
N ALA A 262 23.94 -0.01 -27.79
CA ALA A 262 23.88 -1.06 -28.80
C ALA A 262 22.42 -1.48 -29.07
N ILE A 263 21.68 -1.69 -27.98
CA ILE A 263 20.26 -2.01 -28.09
C ILE A 263 19.53 -0.96 -28.92
N ILE A 264 19.73 0.30 -28.57
CA ILE A 264 19.06 1.39 -29.28
C ILE A 264 19.42 1.42 -30.77
N GLU A 265 20.68 1.15 -31.08
CA GLU A 265 21.10 1.07 -32.48
C GLU A 265 20.30 0.00 -33.20
N ARG A 266 19.96 -1.08 -32.50
CA ARG A 266 19.11 -2.10 -33.14
C ARG A 266 17.61 -1.78 -33.15
N LEU A 267 17.15 -1.05 -32.14
CA LEU A 267 15.76 -0.65 -31.99
C LEU A 267 15.33 0.40 -33.02
N TYR A 268 16.16 1.41 -33.24
CA TYR A 268 15.81 2.53 -34.13
C TYR A 268 15.34 2.15 -35.54
N PRO A 269 16.07 1.25 -36.24
CA PRO A 269 15.63 0.95 -37.60
C PRO A 269 14.25 0.32 -37.63
N GLU A 270 13.88 -0.41 -36.57
CA GLU A 270 12.56 -1.02 -36.51
C GLU A 270 11.49 0.05 -36.32
N LEU A 271 11.78 1.02 -35.46
CA LEU A 271 10.87 2.14 -35.23
C LEU A 271 10.74 3.00 -36.48
N GLU A 272 11.86 3.27 -37.14
CA GLU A 272 11.83 4.07 -38.37
C GLU A 272 10.98 3.38 -39.43
N ARG A 273 11.16 2.07 -39.56
CA ARG A 273 10.44 1.30 -40.57
C ARG A 273 8.93 1.30 -40.33
N ARG A 274 8.54 1.16 -39.07
CA ARG A 274 7.13 1.11 -38.74
C ARG A 274 6.49 2.49 -38.84
N LEU A 275 7.23 3.52 -38.40
CA LEU A 275 6.74 4.88 -38.53
C LEU A 275 6.58 5.28 -40.00
N ALA A 276 7.54 4.90 -40.83
CA ALA A 276 7.52 5.25 -42.25
C ALA A 276 6.27 4.76 -42.98
N LYS A 277 5.71 3.64 -42.51
CA LYS A 277 4.55 3.02 -43.14
C LYS A 277 3.32 3.92 -43.14
N VAL A 278 3.13 4.71 -42.09
CA VAL A 278 2.00 5.62 -42.00
C VAL A 278 2.46 7.06 -42.10
N LYS A 279 3.76 7.27 -41.98
CA LYS A 279 4.34 8.61 -41.96
C LYS A 279 5.69 8.65 -42.67
N PRO A 280 5.67 8.57 -44.01
CA PRO A 280 6.91 8.48 -44.80
C PRO A 280 7.90 9.62 -44.54
N ASP A 281 7.41 10.81 -44.18
CA ASP A 281 8.30 11.93 -43.92
C ASP A 281 8.81 11.93 -42.48
N LEU A 282 8.34 10.95 -41.70
CA LEU A 282 8.77 10.73 -40.31
C LEU A 282 8.49 11.90 -39.38
N LEU A 283 7.64 12.83 -39.81
CA LEU A 283 7.28 13.97 -38.97
C LEU A 283 6.40 13.54 -37.79
N ILE A 284 6.72 14.02 -36.60
CA ILE A 284 6.04 13.59 -35.38
C ILE A 284 5.80 14.77 -34.43
N ALA A 285 5.15 14.51 -33.30
CA ALA A 285 4.93 15.53 -32.28
C ALA A 285 5.95 15.44 -31.16
N ARG A 286 6.19 14.23 -30.67
CA ARG A 286 7.12 14.02 -29.58
C ARG A 286 7.92 12.75 -29.84
N GLN A 287 9.10 12.66 -29.23
CA GLN A 287 9.77 11.37 -29.17
C GLN A 287 10.46 11.21 -27.83
N GLY A 288 10.74 9.97 -27.47
CA GLY A 288 11.34 9.71 -26.18
C GLY A 288 11.78 8.28 -25.98
N VAL A 289 12.25 7.99 -24.78
CA VAL A 289 12.78 6.66 -24.50
C VAL A 289 12.21 6.11 -23.21
N LYS A 290 12.43 4.82 -22.99
CA LYS A 290 11.94 4.14 -21.80
C LYS A 290 13.01 3.21 -21.25
N LEU A 291 13.15 3.22 -19.92
CA LEU A 291 14.05 2.27 -19.25
C LEU A 291 13.29 1.59 -18.11
N LYS A 292 13.40 0.27 -18.01
CA LYS A 292 12.83 -0.45 -16.87
C LYS A 292 13.93 -1.17 -16.10
N PHE A 293 14.04 -0.88 -14.81
CA PHE A 293 15.14 -1.36 -13.99
C PHE A 293 14.84 -2.71 -13.33
N ASP A 294 15.85 -3.30 -12.67
CA ASP A 294 15.66 -4.62 -12.06
C ASP A 294 14.66 -4.62 -10.91
N ASP A 295 14.29 -3.45 -10.42
CA ASP A 295 13.21 -3.34 -9.44
C ASP A 295 11.87 -3.14 -10.12
N PHE A 296 11.87 -3.34 -11.44
CA PHE A 296 10.69 -3.22 -12.30
C PHE A 296 10.07 -1.84 -12.30
N GLN A 297 10.74 -0.88 -11.70
CA GLN A 297 10.33 0.49 -11.86
C GLN A 297 10.67 0.89 -13.28
N GLN A 298 9.74 1.60 -13.91
CA GLN A 298 9.92 2.04 -15.27
C GLN A 298 9.93 3.55 -15.29
N THR A 299 10.76 4.13 -16.14
CA THR A 299 10.77 5.57 -16.35
C THR A 299 10.76 5.83 -17.83
N THR A 300 10.15 6.95 -18.22
CA THR A 300 10.11 7.37 -19.61
C THR A 300 10.56 8.81 -19.65
N GLN A 301 11.23 9.19 -20.73
CA GLN A 301 11.61 10.59 -20.90
C GLN A 301 11.28 10.98 -22.33
N GLU A 302 10.30 11.86 -22.48
CA GLU A 302 9.80 12.22 -23.79
C GLU A 302 9.73 13.72 -23.92
N HIS A 303 9.91 14.22 -25.14
CA HIS A 303 9.88 15.66 -25.37
C HIS A 303 9.35 16.00 -26.76
N VAL A 304 8.83 17.22 -26.89
CA VAL A 304 8.40 17.75 -28.17
C VAL A 304 9.56 17.66 -29.16
N TRP A 305 9.30 17.13 -30.34
CA TRP A 305 10.34 16.92 -31.35
C TRP A 305 9.66 16.72 -32.70
N PRO A 306 10.17 17.39 -33.75
CA PRO A 306 9.41 17.45 -35.01
C PRO A 306 9.63 16.28 -35.97
N ARG A 307 10.69 15.49 -35.79
CA ARG A 307 10.96 14.39 -36.72
C ARG A 307 11.80 13.30 -36.09
N LEU A 308 11.43 12.04 -36.32
CA LEU A 308 12.15 10.88 -35.79
C LEU A 308 13.65 11.05 -36.00
N ASN A 309 14.40 11.01 -34.90
CA ASN A 309 15.83 11.31 -34.92
C ASN A 309 16.62 10.42 -33.95
N LYS A 310 17.51 9.61 -34.50
CA LYS A 310 18.22 8.61 -33.71
C LYS A 310 19.12 9.21 -32.65
N ALA A 311 19.96 10.17 -33.07
CA ALA A 311 20.92 10.79 -32.17
C ALA A 311 20.23 11.40 -30.94
N ASP A 312 19.11 12.08 -31.14
CA ASP A 312 18.41 12.66 -30.00
C ASP A 312 17.84 11.59 -29.06
N LEU A 313 17.43 10.47 -29.64
CA LEU A 313 16.90 9.36 -28.84
C LEU A 313 18.02 8.78 -27.99
N ILE A 314 19.21 8.71 -28.58
CA ILE A 314 20.37 8.20 -27.87
C ILE A 314 20.83 9.15 -26.76
N ALA A 315 20.88 10.45 -27.05
CA ALA A 315 21.27 11.43 -26.04
C ALA A 315 20.27 11.45 -24.87
N THR A 316 18.99 11.43 -25.21
CA THR A 316 17.95 11.40 -24.19
C THR A 316 18.11 10.14 -23.34
N ALA A 317 18.35 9.02 -24.02
CA ALA A 317 18.56 7.75 -23.32
C ALA A 317 19.75 7.83 -22.37
N ARG A 318 20.80 8.50 -22.80
CA ARG A 318 22.01 8.63 -21.99
C ARG A 318 21.79 9.49 -20.76
N LYS A 319 21.02 10.55 -20.92
CA LYS A 319 20.66 11.37 -19.77
C LYS A 319 19.82 10.54 -18.80
N THR A 320 18.86 9.78 -19.32
CA THR A 320 18.00 8.95 -18.46
C THR A 320 18.81 7.90 -17.72
N TRP A 321 19.71 7.25 -18.45
CA TRP A 321 20.60 6.23 -17.91
C TRP A 321 21.46 6.81 -16.79
N ASP A 322 22.02 8.00 -17.00
CA ASP A 322 22.93 8.58 -16.01
C ASP A 322 22.20 9.17 -14.79
N GLU A 323 20.98 9.67 -15.00
CA GLU A 323 20.26 10.41 -13.97
C GLU A 323 19.29 9.56 -13.15
N ARG A 324 18.77 8.50 -13.75
CA ARG A 324 17.68 7.75 -13.12
C ARG A 324 17.98 6.28 -12.81
N ARG A 325 19.08 5.75 -13.34
CA ARG A 325 19.37 4.32 -13.13
C ARG A 325 19.67 4.01 -11.66
N GLY A 326 20.41 4.91 -11.01
CA GLY A 326 20.75 4.74 -9.61
C GLY A 326 21.41 3.41 -9.31
N GLY A 327 22.35 3.02 -10.16
CA GLY A 327 23.13 1.82 -9.95
C GLY A 327 22.40 0.52 -10.21
N ARG A 328 21.11 0.61 -10.51
CA ARG A 328 20.31 -0.59 -10.78
C ARG A 328 20.64 -1.23 -12.13
N GLY A 329 20.39 -2.53 -12.25
CA GLY A 329 20.48 -3.20 -13.53
C GLY A 329 19.27 -2.84 -14.38
N VAL A 330 19.40 -2.91 -15.70
CA VAL A 330 18.32 -2.53 -16.61
C VAL A 330 17.85 -3.73 -17.42
N ARG A 331 16.56 -4.04 -17.33
CA ARG A 331 16.00 -5.21 -18.01
C ARG A 331 15.34 -4.89 -19.34
N LEU A 332 14.97 -3.62 -19.55
CA LEU A 332 14.25 -3.24 -20.76
C LEU A 332 14.69 -1.88 -21.29
N VAL A 333 14.87 -1.79 -22.61
CA VAL A 333 15.11 -0.51 -23.26
C VAL A 333 14.04 -0.27 -24.32
N GLY A 334 13.45 0.93 -24.35
CA GLY A 334 12.44 1.24 -25.35
C GLY A 334 12.50 2.61 -25.99
N LEU A 335 12.02 2.68 -27.23
CA LEU A 335 11.88 3.94 -27.97
C LEU A 335 10.40 4.19 -28.27
N HIS A 336 10.02 5.48 -28.30
CA HIS A 336 8.61 5.84 -28.42
C HIS A 336 8.44 7.12 -29.23
N VAL A 337 7.34 7.19 -29.96
CA VAL A 337 7.01 8.33 -30.80
C VAL A 337 5.55 8.70 -30.58
N THR A 338 5.27 9.98 -30.37
CA THR A 338 3.89 10.46 -30.31
C THR A 338 3.54 11.07 -31.66
N LEU A 339 2.49 10.54 -32.27
CA LEU A 339 2.09 10.97 -33.61
C LEU A 339 1.49 12.37 -33.57
N LEU A 340 1.60 13.09 -34.69
CA LEU A 340 1.00 14.41 -34.83
C LEU A 340 -0.51 14.42 -34.58
N ASP A 341 -0.99 15.56 -34.08
CA ASP A 341 -2.38 15.74 -33.62
C ASP A 341 -3.55 15.29 -34.51
N PRO A 342 -3.58 15.70 -35.79
CA PRO A 342 -4.83 15.55 -36.54
C PRO A 342 -5.30 14.10 -36.69
N GLY B 1 3.57 25.93 51.37
CA GLY B 1 2.82 25.64 50.17
C GLY B 1 3.69 25.01 49.10
N SER B 2 3.52 23.71 48.89
CA SER B 2 4.29 23.00 47.88
C SER B 2 3.39 22.06 47.09
N ARG B 3 3.77 21.81 45.83
CA ARG B 3 2.91 21.06 44.92
C ARG B 3 2.77 19.59 45.32
N LYS B 4 1.59 19.04 45.07
CA LYS B 4 1.35 17.62 45.26
C LYS B 4 1.02 16.95 43.93
N ILE B 5 1.96 16.17 43.42
CA ILE B 5 1.82 15.56 42.10
C ILE B 5 1.80 14.03 42.20
N ILE B 6 0.76 13.44 41.61
CA ILE B 6 0.59 11.99 41.60
C ILE B 6 0.84 11.43 40.19
N HIS B 7 1.69 10.42 40.08
CA HIS B 7 1.81 9.70 38.82
C HIS B 7 1.21 8.31 38.97
N VAL B 8 0.21 8.02 38.13
CA VAL B 8 -0.45 6.72 38.17
C VAL B 8 0.00 5.90 36.95
N ASP B 9 0.26 4.62 37.17
CA ASP B 9 0.79 3.73 36.13
C ASP B 9 0.23 2.33 36.32
N MET B 10 -0.57 1.87 35.36
CA MET B 10 -1.18 0.54 35.45
C MET B 10 -0.11 -0.56 35.44
N ASP B 11 -0.39 -1.67 36.11
CA ASP B 11 0.57 -2.77 36.21
C ASP B 11 0.42 -3.76 35.05
N CYS B 12 1.54 -4.09 34.39
CA CYS B 12 1.56 -5.04 33.27
C CYS B 12 0.36 -4.88 32.35
N PHE B 13 0.13 -3.64 31.92
CA PHE B 13 -1.17 -3.18 31.40
C PHE B 13 -1.90 -4.13 30.44
N PHE B 14 -1.36 -4.29 29.23
CA PHE B 14 -1.98 -5.16 28.23
C PHE B 14 -2.17 -6.56 28.82
N ALA B 15 -1.08 -7.09 29.36
CA ALA B 15 -1.09 -8.40 29.99
C ALA B 15 -2.13 -8.48 31.11
N ALA B 16 -2.28 -7.40 31.87
CA ALA B 16 -3.26 -7.37 32.96
C ALA B 16 -4.68 -7.48 32.43
N VAL B 17 -4.99 -6.71 31.39
CA VAL B 17 -6.30 -6.81 30.73
C VAL B 17 -6.56 -8.24 30.26
N GLU B 18 -5.56 -8.83 29.60
CA GLU B 18 -5.66 -10.21 29.12
C GLU B 18 -5.88 -11.25 30.22
N MET B 19 -5.11 -11.15 31.31
CA MET B 19 -5.20 -12.08 32.43
C MET B 19 -6.52 -11.90 33.19
N ARG B 20 -7.04 -10.69 33.17
CA ARG B 20 -8.36 -10.42 33.75
C ARG B 20 -9.43 -11.15 32.96
N ASP B 21 -9.48 -10.88 31.65
CA ASP B 21 -10.51 -11.46 30.81
C ASP B 21 -10.32 -12.96 30.51
N ASN B 22 -9.14 -13.50 30.84
CA ASN B 22 -8.87 -14.93 30.65
C ASN B 22 -7.99 -15.50 31.77
N PRO B 23 -8.62 -15.89 32.89
CA PRO B 23 -8.00 -16.33 34.15
C PRO B 23 -6.93 -17.44 34.05
N ALA B 24 -7.02 -18.32 33.06
CA ALA B 24 -6.05 -19.41 32.93
C ALA B 24 -4.64 -18.94 32.53
N LEU B 25 -4.53 -17.67 32.12
CA LEU B 25 -3.25 -17.08 31.76
C LEU B 25 -2.49 -16.57 32.99
N ARG B 26 -3.23 -16.37 34.08
CA ARG B 26 -2.71 -15.70 35.27
C ARG B 26 -1.36 -16.21 35.78
N ASP B 27 -1.24 -17.52 35.95
CA ASP B 27 -0.03 -18.09 36.55
C ASP B 27 0.97 -18.66 35.54
N ILE B 28 0.71 -18.47 34.26
CA ILE B 28 1.62 -18.95 33.21
C ILE B 28 2.24 -17.77 32.45
N PRO B 29 3.44 -17.99 31.85
CA PRO B 29 4.10 -16.91 31.10
C PRO B 29 3.31 -16.50 29.87
N ILE B 30 2.90 -15.23 29.80
CA ILE B 30 2.23 -14.70 28.62
C ILE B 30 2.88 -13.41 28.14
N ALA B 31 2.61 -13.04 26.89
CA ALA B 31 3.08 -11.77 26.34
C ALA B 31 2.16 -11.30 25.23
N ILE B 32 1.96 -9.99 25.15
CA ILE B 32 1.30 -9.37 24.02
C ILE B 32 2.41 -8.87 23.10
N GLY B 33 2.36 -9.33 21.84
CA GLY B 33 3.37 -9.02 20.85
C GLY B 33 3.12 -9.74 19.53
N GLY B 34 3.88 -9.36 18.50
CA GLY B 34 3.71 -9.95 17.18
C GLY B 34 4.50 -11.23 17.00
N SER B 35 3.98 -12.13 16.19
CA SER B 35 4.63 -13.42 15.99
C SER B 35 6.00 -13.29 15.35
N ARG B 36 6.81 -14.32 15.52
CA ARG B 36 8.10 -14.44 14.87
C ARG B 36 7.87 -14.35 13.37
N GLU B 37 6.79 -15.00 12.94
CA GLU B 37 6.40 -15.06 11.54
C GLU B 37 6.25 -13.66 10.95
N ARG B 38 5.70 -12.73 11.73
CA ARG B 38 5.47 -11.37 11.25
C ARG B 38 6.60 -10.43 11.68
N ARG B 39 7.70 -11.02 12.15
CA ARG B 39 8.88 -10.26 12.57
C ARG B 39 8.53 -9.29 13.69
N GLY B 40 7.80 -9.77 14.68
CA GLY B 40 7.30 -8.91 15.75
C GLY B 40 8.22 -8.74 16.93
N VAL B 41 7.79 -7.92 17.89
CA VAL B 41 8.45 -7.82 19.18
C VAL B 41 7.40 -7.95 20.27
N ILE B 42 7.85 -8.02 21.52
CA ILE B 42 6.93 -8.06 22.65
C ILE B 42 6.48 -6.64 22.99
N SER B 43 5.16 -6.42 23.03
CA SER B 43 4.63 -5.16 23.52
C SER B 43 4.76 -5.15 25.04
N THR B 44 4.35 -6.25 25.68
CA THR B 44 4.64 -6.42 27.11
C THR B 44 4.39 -7.84 27.58
N ALA B 45 4.93 -8.19 28.75
CA ALA B 45 4.76 -9.53 29.30
C ALA B 45 4.32 -9.47 30.76
N ASN B 46 3.71 -10.56 31.25
CA ASN B 46 3.39 -10.65 32.67
C ASN B 46 4.56 -11.21 33.50
N TYR B 47 4.46 -11.10 34.82
CA TYR B 47 5.56 -11.47 35.71
C TYR B 47 6.13 -12.89 35.56
N PRO B 48 5.26 -13.92 35.38
CA PRO B 48 5.81 -15.25 35.13
C PRO B 48 6.70 -15.30 33.89
N ALA B 49 6.44 -14.44 32.92
CA ALA B 49 7.31 -14.36 31.73
C ALA B 49 8.52 -13.46 31.98
N ARG B 50 8.33 -12.39 32.74
CA ARG B 50 9.42 -11.47 33.07
C ARG B 50 10.51 -12.17 33.86
N LYS B 51 10.12 -13.13 34.68
CA LYS B 51 11.08 -13.94 35.44
C LYS B 51 12.10 -14.63 34.53
N PHE B 52 11.71 -14.88 33.28
CA PHE B 52 12.64 -15.47 32.31
C PHE B 52 13.45 -14.41 31.56
N GLY B 53 13.11 -13.14 31.77
CA GLY B 53 13.82 -12.06 31.11
C GLY B 53 13.07 -11.54 29.90
N VAL B 54 11.84 -12.01 29.72
CA VAL B 54 10.98 -11.48 28.67
C VAL B 54 10.55 -10.08 29.06
N ARG B 55 10.64 -9.15 28.12
CA ARG B 55 10.32 -7.75 28.40
C ARG B 55 9.89 -7.02 27.14
N SER B 56 9.33 -5.82 27.32
CA SER B 56 8.87 -4.99 26.22
C SER B 56 10.00 -4.73 25.23
N ALA B 57 9.64 -4.63 23.95
CA ALA B 57 10.59 -4.32 22.86
C ALA B 57 11.55 -5.45 22.50
N MET B 58 11.48 -6.56 23.23
CA MET B 58 12.31 -7.72 22.90
C MET B 58 11.74 -8.45 21.70
N PRO B 59 12.60 -8.73 20.70
CA PRO B 59 12.15 -9.49 19.53
C PRO B 59 11.54 -10.81 19.95
N THR B 60 10.37 -11.15 19.40
CA THR B 60 9.61 -12.32 19.81
C THR B 60 10.43 -13.62 19.77
N GLY B 61 11.30 -13.74 18.76
CA GLY B 61 12.17 -14.89 18.66
C GLY B 61 13.01 -15.08 19.91
N MET B 62 13.61 -13.98 20.37
CA MET B 62 14.45 -13.99 21.56
C MET B 62 13.64 -14.40 22.80
N ALA B 63 12.44 -13.82 22.92
CA ALA B 63 11.54 -14.13 24.02
C ALA B 63 11.22 -15.62 24.07
N LEU B 64 10.97 -16.20 22.89
CA LEU B 64 10.66 -17.62 22.79
C LEU B 64 11.87 -18.50 23.11
N ALA B 65 13.07 -18.06 22.71
CA ALA B 65 14.27 -18.77 23.13
C ALA B 65 14.42 -18.76 24.64
N LEU B 66 14.13 -17.61 25.25
CA LEU B 66 14.24 -17.44 26.71
C LEU B 66 13.09 -18.10 27.45
N CYS B 67 11.91 -18.10 26.84
CA CYS B 67 10.72 -18.65 27.48
C CYS B 67 9.92 -19.48 26.48
N PRO B 68 10.41 -20.69 26.16
CA PRO B 68 9.78 -21.59 25.18
C PRO B 68 8.28 -21.78 25.40
N HIS B 69 7.86 -21.95 26.65
CA HIS B 69 6.46 -22.19 26.95
C HIS B 69 5.61 -20.92 26.93
N LEU B 70 6.17 -19.82 26.44
CA LEU B 70 5.45 -18.55 26.37
C LEU B 70 4.13 -18.66 25.60
N THR B 71 3.12 -17.94 26.07
CA THR B 71 1.84 -17.86 25.39
C THR B 71 1.67 -16.48 24.79
N LEU B 72 1.79 -16.40 23.46
CA LEU B 72 1.80 -15.11 22.76
C LEU B 72 0.40 -14.68 22.30
N LEU B 73 0.04 -13.45 22.66
CA LEU B 73 -1.28 -12.91 22.31
C LEU B 73 -1.18 -11.72 21.36
N PRO B 74 -2.11 -11.64 20.41
CA PRO B 74 -2.14 -10.58 19.38
C PRO B 74 -2.35 -9.20 19.96
N GLY B 75 -3.11 -9.11 21.05
CA GLY B 75 -3.45 -7.83 21.63
C GLY B 75 -4.79 -7.35 21.15
N ARG B 76 -5.58 -6.79 22.06
CA ARG B 76 -6.90 -6.26 21.72
C ARG B 76 -7.00 -4.80 22.14
N PHE B 77 -6.61 -3.90 21.24
CA PHE B 77 -6.48 -2.46 21.55
C PHE B 77 -7.77 -1.78 21.99
N ASP B 78 -8.91 -2.29 21.54
CA ASP B 78 -10.20 -1.73 21.93
C ASP B 78 -10.46 -1.90 23.44
N ALA B 79 -10.13 -3.07 23.97
CA ALA B 79 -10.23 -3.32 25.40
C ALA B 79 -9.30 -2.39 26.18
N TYR B 80 -8.07 -2.25 25.70
CA TYR B 80 -7.07 -1.42 26.34
C TYR B 80 -7.53 0.05 26.37
N LYS B 81 -8.16 0.48 25.29
CA LYS B 81 -8.69 1.84 25.20
C LYS B 81 -9.89 2.01 26.13
N GLU B 82 -10.68 0.95 26.27
CA GLU B 82 -11.79 0.95 27.23
C GLU B 82 -11.25 1.22 28.63
N ALA B 83 -10.29 0.39 29.05
CA ALA B 83 -9.67 0.54 30.35
C ALA B 83 -9.10 1.94 30.56
N SER B 84 -8.34 2.43 29.57
CA SER B 84 -7.76 3.78 29.64
C SER B 84 -8.82 4.85 29.85
N ASN B 85 -9.82 4.86 28.97
CA ASN B 85 -10.97 5.75 29.08
C ASN B 85 -11.54 5.75 30.50
N HIS B 86 -11.78 4.56 31.05
CA HIS B 86 -12.37 4.50 32.38
C HIS B 86 -11.45 4.96 33.52
N ILE B 87 -10.16 4.61 33.48
CA ILE B 87 -9.26 5.11 34.53
C ILE B 87 -9.17 6.62 34.48
N ARG B 88 -9.31 7.21 33.28
CA ARG B 88 -9.32 8.66 33.18
C ARG B 88 -10.62 9.26 33.69
N GLU B 89 -11.73 8.55 33.48
CA GLU B 89 -12.99 8.93 34.11
C GLU B 89 -12.82 8.95 35.63
N ILE B 90 -12.09 7.97 36.16
CA ILE B 90 -11.83 7.88 37.60
C ILE B 90 -10.96 9.05 38.08
N PHE B 91 -9.89 9.36 37.33
CA PHE B 91 -9.03 10.50 37.64
C PHE B 91 -9.85 11.79 37.68
N SER B 92 -10.81 11.90 36.76
CA SER B 92 -11.62 13.11 36.61
C SER B 92 -12.42 13.47 37.87
N ARG B 93 -12.68 12.49 38.73
CA ARG B 93 -13.47 12.71 39.94
C ARG B 93 -12.69 13.50 40.99
N TYR B 94 -11.36 13.45 40.91
CA TYR B 94 -10.51 14.00 41.96
C TYR B 94 -9.95 15.36 41.62
N THR B 95 -9.85 15.66 40.32
CA THR B 95 -9.24 16.91 39.85
C THR B 95 -9.42 17.08 38.34
N SER B 96 -9.24 18.31 37.87
CA SER B 96 -9.28 18.60 36.43
C SER B 96 -7.88 18.54 35.86
N ARG B 97 -6.88 18.63 36.74
CA ARG B 97 -5.48 18.63 36.32
C ARG B 97 -4.98 17.22 36.00
N ILE B 98 -5.35 16.70 34.84
CA ILE B 98 -4.92 15.37 34.41
C ILE B 98 -4.10 15.45 33.12
N GLU B 99 -2.87 14.95 33.15
CA GLU B 99 -2.05 14.88 31.95
C GLU B 99 -1.72 13.44 31.61
N PRO B 100 -2.50 12.83 30.71
CA PRO B 100 -2.21 11.45 30.28
C PRO B 100 -0.91 11.44 29.49
N LEU B 101 -0.13 10.36 29.60
CA LEU B 101 1.13 10.25 28.88
C LEU B 101 1.05 9.10 27.89
N SER B 102 0.11 8.20 28.17
CA SER B 102 -0.20 7.06 27.32
C SER B 102 -1.53 6.51 27.83
N LEU B 103 -1.92 5.33 27.37
CA LEU B 103 -3.18 4.73 27.80
C LEU B 103 -3.20 4.49 29.30
N ASP B 104 -2.08 4.03 29.85
CA ASP B 104 -2.06 3.52 31.21
C ASP B 104 -1.36 4.42 32.22
N GLU B 105 -0.84 5.55 31.75
CA GLU B 105 -0.09 6.45 32.63
C GLU B 105 -0.74 7.82 32.68
N ALA B 106 -0.63 8.48 33.83
CA ALA B 106 -1.16 9.83 33.95
C ALA B 106 -0.56 10.65 35.10
N TYR B 107 -0.43 11.95 34.88
CA TYR B 107 -0.09 12.89 35.93
C TYR B 107 -1.35 13.54 36.49
N LEU B 108 -1.34 13.79 37.80
CA LEU B 108 -2.44 14.48 38.47
C LEU B 108 -1.85 15.56 39.36
N ASP B 109 -2.39 16.76 39.25
CA ASP B 109 -2.11 17.80 40.22
C ASP B 109 -3.29 17.83 41.19
N VAL B 110 -3.01 17.48 42.44
CA VAL B 110 -4.03 17.45 43.48
C VAL B 110 -3.67 18.46 44.57
N THR B 111 -2.84 19.43 44.22
CA THR B 111 -2.31 20.41 45.17
C THR B 111 -3.39 21.14 45.95
N ASP B 112 -4.39 21.65 45.23
CA ASP B 112 -5.47 22.41 45.85
C ASP B 112 -6.76 21.60 45.98
N SER B 113 -6.62 20.30 46.17
CA SER B 113 -7.78 19.43 46.38
C SER B 113 -8.25 19.43 47.83
N VAL B 114 -9.51 19.05 48.05
CA VAL B 114 -10.10 18.99 49.39
C VAL B 114 -10.79 17.64 49.60
N HIS B 115 -10.49 16.68 48.72
CA HIS B 115 -11.08 15.34 48.81
C HIS B 115 -10.65 14.59 50.07
N CYS B 116 -9.57 13.81 49.97
CA CYS B 116 -9.08 13.08 51.13
C CYS B 116 -8.25 13.99 52.04
N HIS B 117 -8.86 15.10 52.44
CA HIS B 117 -8.23 16.18 53.21
C HIS B 117 -6.82 16.59 52.78
N GLY B 118 -6.67 16.88 51.49
CA GLY B 118 -5.41 17.36 50.95
C GLY B 118 -4.29 16.34 51.02
N SER B 119 -4.64 15.10 51.32
CA SER B 119 -3.67 14.01 51.36
C SER B 119 -3.56 13.34 49.99
N ALA B 120 -2.50 13.67 49.27
CA ALA B 120 -2.24 13.05 47.97
C ALA B 120 -1.97 11.57 48.13
N THR B 121 -1.44 11.18 49.30
CA THR B 121 -1.21 9.78 49.62
C THR B 121 -2.53 9.03 49.64
N LEU B 122 -3.51 9.60 50.34
CA LEU B 122 -4.84 9.03 50.46
C LEU B 122 -5.58 9.04 49.13
N ILE B 123 -5.41 10.13 48.37
CA ILE B 123 -6.04 10.24 47.06
C ILE B 123 -5.49 9.17 46.12
N ALA B 124 -4.18 9.00 46.14
CA ALA B 124 -3.51 7.95 45.35
C ALA B 124 -4.02 6.55 45.70
N GLN B 125 -4.02 6.21 47.00
CA GLN B 125 -4.53 4.92 47.46
C GLN B 125 -6.01 4.73 47.08
N GLU B 126 -6.76 5.83 47.09
CA GLU B 126 -8.21 5.79 46.82
C GLU B 126 -8.55 5.88 45.33
N ILE B 127 -7.53 6.07 44.50
CA ILE B 127 -7.69 5.98 43.05
C ILE B 127 -7.29 4.57 42.63
N ARG B 128 -6.20 4.07 43.22
CA ARG B 128 -5.78 2.67 43.01
C ARG B 128 -6.89 1.70 43.41
N GLN B 129 -7.32 1.74 44.67
CA GLN B 129 -8.60 1.18 45.03
C GLN B 129 -9.55 2.10 44.29
N THR B 130 -10.64 1.55 43.74
CA THR B 130 -11.56 2.21 42.78
C THR B 130 -11.23 1.76 41.36
N ILE B 131 -10.00 1.97 40.92
CA ILE B 131 -9.57 1.38 39.66
C ILE B 131 -9.63 -0.14 39.80
N PHE B 132 -9.17 -0.66 40.94
CA PHE B 132 -9.19 -2.10 41.19
C PHE B 132 -10.60 -2.64 41.41
N ASN B 133 -11.44 -1.89 42.11
CA ASN B 133 -12.87 -2.11 42.02
C ASN B 133 -13.24 -1.63 40.63
N GLU B 134 -14.51 -1.67 40.25
CA GLU B 134 -14.87 -1.18 38.90
C GLU B 134 -14.10 -1.86 37.74
N LEU B 135 -12.77 -1.80 37.75
CA LEU B 135 -11.99 -2.30 36.61
C LEU B 135 -11.31 -3.66 36.77
N GLN B 136 -11.05 -4.06 38.01
CA GLN B 136 -10.38 -5.33 38.30
C GLN B 136 -8.97 -5.33 37.70
N LEU B 137 -8.36 -4.15 37.69
CA LEU B 137 -6.98 -3.99 37.27
C LEU B 137 -6.24 -3.27 38.39
N THR B 138 -5.01 -3.67 38.68
CA THR B 138 -4.22 -2.96 39.69
C THR B 138 -3.41 -1.84 39.04
N ALA B 139 -3.25 -0.75 39.78
CA ALA B 139 -2.36 0.32 39.35
C ALA B 139 -1.32 0.56 40.43
N SER B 140 -0.23 1.23 40.07
CA SER B 140 0.75 1.68 41.05
C SER B 140 0.84 3.19 40.98
N ALA B 141 1.34 3.81 42.05
CA ALA B 141 1.33 5.27 42.16
C ALA B 141 2.54 5.87 42.85
N GLY B 142 2.92 7.07 42.41
CA GLY B 142 3.97 7.81 43.07
C GLY B 142 3.45 9.19 43.43
N VAL B 143 3.84 9.69 44.59
CA VAL B 143 3.47 11.07 44.96
C VAL B 143 4.68 11.87 45.42
N ALA B 144 4.86 13.04 44.81
CA ALA B 144 6.07 13.83 44.97
C ALA B 144 5.74 15.30 44.75
N PRO B 145 6.68 16.20 45.09
CA PRO B 145 6.43 17.63 44.82
C PRO B 145 6.55 17.98 43.35
N VAL B 146 7.27 17.15 42.58
CA VAL B 146 7.52 17.40 41.17
C VAL B 146 7.29 16.16 40.30
N LYS B 147 7.23 16.37 38.98
CA LYS B 147 6.90 15.30 38.02
C LYS B 147 7.83 14.09 38.03
N PHE B 148 9.13 14.31 37.78
CA PHE B 148 10.05 13.18 37.61
C PHE B 148 10.17 12.33 38.87
N LEU B 149 10.11 12.98 40.03
CA LEU B 149 10.12 12.28 41.30
C LEU B 149 8.85 11.45 41.48
N ALA B 150 7.74 11.96 40.96
CA ALA B 150 6.48 11.23 41.02
C ALA B 150 6.53 10.00 40.09
N LYS B 151 7.17 10.15 38.94
CA LYS B 151 7.36 9.02 38.03
C LYS B 151 8.22 7.94 38.68
N ILE B 152 9.39 8.34 39.17
CA ILE B 152 10.30 7.43 39.88
C ILE B 152 9.59 6.70 41.03
N ALA B 153 8.93 7.48 41.89
CA ALA B 153 8.18 6.92 43.01
C ALA B 153 7.12 5.94 42.55
N SER B 154 6.46 6.26 41.44
CA SER B 154 5.45 5.37 40.87
C SER B 154 6.06 4.03 40.49
N ASP B 155 7.26 4.07 39.93
CA ASP B 155 7.90 2.81 39.54
C ASP B 155 8.42 2.01 40.75
N MET B 156 8.72 2.70 41.84
CA MET B 156 9.38 2.08 43.00
C MET B 156 8.68 0.86 43.62
N ASN B 157 7.38 0.95 43.91
CA ASN B 157 6.67 -0.20 44.50
C ASN B 157 5.71 -0.93 43.56
N LYS B 158 6.13 -1.15 42.31
CA LYS B 158 5.33 -1.94 41.37
C LYS B 158 5.45 -3.42 41.73
N PRO B 159 4.34 -4.17 41.65
CA PRO B 159 2.99 -3.74 41.27
C PRO B 159 2.08 -3.53 42.48
N ASN B 160 0.91 -2.94 42.24
CA ASN B 160 -0.10 -2.71 43.28
C ASN B 160 0.48 -2.13 44.56
N GLY B 161 1.18 -1.01 44.42
CA GLY B 161 1.76 -0.33 45.57
C GLY B 161 2.01 1.10 45.19
N GLN B 162 2.31 1.92 46.18
CA GLN B 162 2.65 3.30 45.91
C GLN B 162 3.83 3.76 46.75
N PHE B 163 4.39 4.93 46.40
CA PHE B 163 5.48 5.48 47.19
C PHE B 163 5.36 7.00 47.30
N VAL B 164 5.59 7.52 48.52
CA VAL B 164 5.48 8.96 48.77
C VAL B 164 6.85 9.56 49.04
N ILE B 165 7.11 10.71 48.43
CA ILE B 165 8.28 11.51 48.76
C ILE B 165 7.80 12.89 49.21
N THR B 166 8.14 13.28 50.45
CA THR B 166 7.84 14.62 50.94
C THR B 166 8.96 15.56 50.50
N PRO B 167 8.71 16.88 50.48
CA PRO B 167 9.76 17.82 50.10
C PRO B 167 10.96 17.76 51.05
N ALA B 168 10.70 17.39 52.30
CA ALA B 168 11.77 17.24 53.28
C ALA B 168 12.60 15.98 53.02
N GLU B 169 12.01 15.04 52.28
CA GLU B 169 12.69 13.79 51.93
C GLU B 169 13.51 13.91 50.64
N VAL B 170 13.20 14.92 49.83
CA VAL B 170 13.86 15.11 48.53
C VAL B 170 15.40 15.08 48.53
N PRO B 171 16.06 15.85 49.41
CA PRO B 171 17.53 15.87 49.34
C PRO B 171 18.19 14.52 49.61
N ALA B 172 17.74 13.83 50.65
CA ALA B 172 18.27 12.50 50.97
C ALA B 172 18.02 11.50 49.84
N PHE B 173 16.76 11.42 49.41
CA PHE B 173 16.35 10.57 48.29
C PHE B 173 17.22 10.84 47.07
N LEU B 174 17.53 12.11 46.85
CA LEU B 174 18.27 12.58 45.68
C LEU B 174 19.72 12.16 45.71
N GLN B 175 20.38 12.34 46.85
CA GLN B 175 21.82 12.10 46.97
C GLN B 175 22.28 10.72 46.49
N THR B 176 21.42 9.71 46.63
CA THR B 176 21.74 8.37 46.13
C THR B 176 20.70 7.85 45.12
N LEU B 177 20.19 8.75 44.28
CA LEU B 177 19.31 8.36 43.19
C LEU B 177 20.16 8.00 41.98
N PRO B 178 20.12 6.73 41.56
CA PRO B 178 20.83 6.33 40.34
C PRO B 178 20.33 7.16 39.16
N LEU B 179 21.26 7.82 38.46
CA LEU B 179 20.89 8.70 37.34
C LEU B 179 20.02 7.99 36.31
N ALA B 180 20.19 6.68 36.18
CA ALA B 180 19.45 5.90 35.19
C ALA B 180 17.97 5.75 35.56
N LYS B 181 17.62 6.04 36.81
CA LYS B 181 16.23 5.99 37.25
C LYS B 181 15.46 7.26 36.87
N ILE B 182 16.19 8.30 36.46
CA ILE B 182 15.60 9.56 36.05
C ILE B 182 15.03 9.46 34.63
N PRO B 183 13.78 9.92 34.46
CA PRO B 183 13.13 9.91 33.14
C PRO B 183 13.92 10.74 32.12
N GLY B 184 14.05 10.23 30.91
CA GLY B 184 14.82 10.91 29.88
C GLY B 184 16.28 10.50 29.85
N VAL B 185 16.68 9.69 30.83
CA VAL B 185 18.05 9.19 30.88
C VAL B 185 18.07 7.73 30.44
N GLY B 186 18.27 7.51 29.14
CA GLY B 186 18.33 6.16 28.60
C GLY B 186 19.71 5.55 28.73
N LYS B 187 19.92 4.40 28.09
CA LYS B 187 21.18 3.66 28.24
C LYS B 187 22.40 4.38 27.66
N VAL B 188 22.20 5.11 26.56
CA VAL B 188 23.30 5.85 25.93
C VAL B 188 23.79 6.99 26.83
N SER B 189 22.88 7.88 27.20
CA SER B 189 23.19 9.01 28.07
C SER B 189 23.81 8.51 29.37
N ALA B 190 23.22 7.45 29.93
CA ALA B 190 23.74 6.84 31.14
C ALA B 190 25.19 6.34 30.95
N ALA B 191 25.46 5.76 29.79
CA ALA B 191 26.80 5.28 29.47
C ALA B 191 27.81 6.42 29.41
N LYS B 192 27.44 7.52 28.76
CA LYS B 192 28.30 8.70 28.69
C LYS B 192 28.56 9.27 30.09
N LEU B 193 27.49 9.41 30.87
CA LEU B 193 27.57 9.92 32.24
C LEU B 193 28.51 9.08 33.11
N GLU B 194 28.31 7.76 33.12
CA GLU B 194 29.20 6.87 33.85
C GLU B 194 30.63 7.03 33.34
N ALA B 195 30.77 7.20 32.03
CA ALA B 195 32.08 7.42 31.43
C ALA B 195 32.73 8.72 31.92
N MET B 196 31.91 9.65 32.42
CA MET B 196 32.42 10.90 32.95
C MET B 196 32.59 10.83 34.48
N GLY B 197 32.14 9.73 35.07
CA GLY B 197 32.24 9.55 36.51
C GLY B 197 30.96 9.88 37.24
N LEU B 198 29.88 10.06 36.48
CA LEU B 198 28.59 10.47 37.04
C LEU B 198 27.57 9.33 37.05
N ARG B 199 27.10 8.97 38.25
CA ARG B 199 26.18 7.85 38.39
C ARG B 199 24.97 8.17 39.29
N THR B 200 25.16 9.07 40.25
CA THR B 200 24.10 9.49 41.15
C THR B 200 23.84 10.99 41.01
N CYS B 201 22.71 11.46 41.53
CA CYS B 201 22.40 12.88 41.55
C CYS B 201 23.38 13.62 42.46
N GLY B 202 23.87 12.91 43.48
CA GLY B 202 24.91 13.43 44.35
C GLY B 202 26.16 13.78 43.58
N ASP B 203 26.49 12.95 42.59
CA ASP B 203 27.65 13.19 41.74
C ASP B 203 27.44 14.42 40.86
N VAL B 204 26.20 14.63 40.42
CA VAL B 204 25.90 15.74 39.50
C VAL B 204 25.87 17.08 40.24
N GLN B 205 25.37 17.07 41.47
CA GLN B 205 25.39 18.26 42.33
C GLN B 205 26.79 18.86 42.43
N ALA B 206 27.78 17.99 42.66
CA ALA B 206 29.16 18.44 42.88
C ALA B 206 29.97 18.51 41.59
N CYS B 207 29.33 18.30 40.45
CA CYS B 207 30.07 18.19 39.18
C CYS B 207 30.29 19.53 38.48
N ASP B 208 31.33 19.57 37.65
CA ASP B 208 31.61 20.71 36.77
C ASP B 208 30.43 20.88 35.81
N LEU B 209 29.78 22.04 35.87
CA LEU B 209 28.59 22.28 35.07
C LEU B 209 28.89 22.66 33.61
N VAL B 210 29.95 23.43 33.39
CA VAL B 210 30.32 23.85 32.04
C VAL B 210 30.62 22.64 31.17
N MET B 211 31.24 21.62 31.77
CA MET B 211 31.57 20.39 31.08
C MET B 211 30.30 19.58 30.79
N LEU B 212 29.39 19.56 31.75
CA LEU B 212 28.10 18.88 31.59
C LEU B 212 27.27 19.49 30.46
N LEU B 213 27.31 20.82 30.36
CA LEU B 213 26.61 21.54 29.30
C LEU B 213 27.31 21.33 27.96
N LYS B 214 28.63 21.28 27.98
CA LYS B 214 29.42 21.09 26.75
C LYS B 214 29.12 19.72 26.15
N ARG B 215 29.11 18.69 26.98
CA ARG B 215 28.87 17.33 26.52
C ARG B 215 27.39 17.06 26.22
N PHE B 216 26.50 17.64 27.02
CA PHE B 216 25.08 17.22 27.02
C PHE B 216 24.01 18.26 26.67
N GLY B 217 24.41 19.51 26.38
CA GLY B 217 23.45 20.55 26.04
C GLY B 217 22.27 20.71 27.00
N LYS B 218 21.08 20.96 26.44
CA LYS B 218 19.89 21.15 27.23
C LYS B 218 19.62 19.95 28.13
N PHE B 219 19.95 18.76 27.63
CA PHE B 219 19.88 17.55 28.43
C PHE B 219 20.76 17.71 29.67
N GLY B 220 21.97 18.22 29.46
CA GLY B 220 22.87 18.49 30.58
C GLY B 220 22.27 19.42 31.60
N ARG B 221 21.75 20.56 31.14
CA ARG B 221 21.12 21.51 32.04
C ARG B 221 19.98 20.89 32.86
N ILE B 222 19.07 20.22 32.14
CA ILE B 222 17.92 19.58 32.77
C ILE B 222 18.34 18.53 33.80
N LEU B 223 19.36 17.74 33.47
CA LEU B 223 19.89 16.75 34.40
C LEU B 223 20.43 17.44 35.65
N TRP B 224 21.10 18.58 35.45
CA TRP B 224 21.63 19.34 36.57
C TRP B 224 20.51 19.81 37.48
N GLU B 225 19.48 20.41 36.89
CA GLU B 225 18.33 20.90 37.65
C GLU B 225 17.64 19.78 38.44
N ARG B 226 17.42 18.65 37.78
CA ARG B 226 16.74 17.52 38.41
C ARG B 226 17.59 16.85 39.49
N SER B 227 18.91 16.97 39.38
CA SER B 227 19.79 16.46 40.42
C SER B 227 19.74 17.34 41.67
N GLN B 228 19.24 18.56 41.51
CA GLN B 228 19.07 19.47 42.64
C GLN B 228 17.63 19.36 43.17
N GLY B 229 16.79 18.65 42.43
CA GLY B 229 15.40 18.48 42.82
C GLY B 229 14.47 19.47 42.13
N ILE B 230 14.98 20.15 41.11
CA ILE B 230 14.24 21.21 40.44
C ILE B 230 13.54 20.73 39.17
N ASP B 231 12.22 20.91 39.13
CA ASP B 231 11.42 20.50 37.97
C ASP B 231 10.09 21.27 37.95
N GLU B 232 10.11 22.48 37.36
CA GLU B 232 8.94 23.35 37.38
C GLU B 232 7.86 22.98 36.36
N ARG B 233 8.02 21.84 35.69
CA ARG B 233 7.03 21.43 34.69
C ARG B 233 5.64 21.27 35.30
N ASP B 234 4.67 21.99 34.75
CA ASP B 234 3.32 21.95 35.25
C ASP B 234 2.54 20.79 34.63
N VAL B 235 1.51 20.32 35.33
CA VAL B 235 0.60 19.32 34.79
C VAL B 235 -0.33 19.98 33.77
N ASN B 236 -0.36 19.45 32.56
CA ASN B 236 -1.11 20.08 31.46
C ASN B 236 -2.64 19.94 31.51
N SER B 237 -3.16 18.95 30.77
CA SER B 237 -4.60 18.63 30.59
C SER B 237 -5.20 19.14 29.28
N GLU B 238 -4.49 20.05 28.63
CA GLU B 238 -4.93 20.63 27.36
C GLU B 238 -3.92 20.33 26.25
N ARG B 239 -3.21 19.21 26.40
CA ARG B 239 -2.12 18.83 25.51
C ARG B 239 -2.64 18.11 24.25
N LEU B 240 -2.22 18.58 23.08
CA LEU B 240 -2.67 17.99 21.82
C LEU B 240 -1.60 17.18 21.10
N ARG B 241 -2.05 16.28 20.24
CA ARG B 241 -1.15 15.50 19.38
C ARG B 241 -0.60 16.42 18.31
N LYS B 242 0.68 16.26 18.00
CA LYS B 242 1.31 17.13 17.02
C LYS B 242 1.63 16.43 15.73
N SER B 243 1.38 15.13 15.70
CA SER B 243 1.64 14.33 14.52
C SER B 243 0.80 13.06 14.53
N VAL B 244 0.65 12.46 13.35
CA VAL B 244 -0.04 11.19 13.23
C VAL B 244 0.58 10.39 12.09
N GLY B 245 0.87 9.12 12.35
CA GLY B 245 1.50 8.27 11.34
C GLY B 245 0.94 6.86 11.31
N VAL B 246 1.08 6.21 10.17
CA VAL B 246 0.76 4.79 10.06
C VAL B 246 1.96 4.15 9.41
N GLU B 247 2.39 3.00 9.91
CA GLU B 247 3.53 2.34 9.28
C GLU B 247 3.40 0.83 9.38
N ARG B 248 3.98 0.13 8.43
CA ARG B 248 3.90 -1.33 8.43
C ARG B 248 5.26 -1.96 8.13
N THR B 249 5.62 -2.95 8.95
CA THR B 249 6.78 -3.79 8.70
C THR B 249 6.32 -5.08 8.04
N MET B 250 6.84 -5.38 6.86
CA MET B 250 6.47 -6.59 6.12
C MET B 250 7.15 -7.86 6.66
N ALA B 251 6.48 -9.00 6.50
CA ALA B 251 7.05 -10.30 6.89
C ALA B 251 8.33 -10.63 6.12
N GLU B 252 8.41 -10.15 4.88
CA GLU B 252 9.62 -10.27 4.07
C GLU B 252 9.89 -8.93 3.41
N ASP B 253 11.17 -8.62 3.17
CA ASP B 253 11.55 -7.36 2.54
C ASP B 253 10.94 -7.27 1.14
N ILE B 254 10.60 -6.05 0.71
CA ILE B 254 10.17 -5.82 -0.66
C ILE B 254 11.33 -5.24 -1.47
N HIS B 255 11.36 -5.55 -2.76
CA HIS B 255 12.47 -5.13 -3.61
C HIS B 255 11.95 -4.45 -4.88
N HIS B 256 10.64 -4.42 -5.04
CA HIS B 256 10.01 -3.78 -6.20
C HIS B 256 9.27 -2.50 -5.81
N TRP B 257 9.39 -1.46 -6.63
CA TRP B 257 8.73 -0.19 -6.36
C TRP B 257 7.21 -0.33 -6.30
N SER B 258 6.66 -1.14 -7.20
CA SER B 258 5.22 -1.43 -7.21
C SER B 258 4.72 -1.94 -5.85
N GLU B 259 5.53 -2.72 -5.16
CA GLU B 259 5.18 -3.20 -3.83
C GLU B 259 5.09 -2.06 -2.82
N CYS B 260 6.08 -1.16 -2.86
CA CYS B 260 6.07 0.04 -2.02
C CYS B 260 4.80 0.86 -2.23
N GLU B 261 4.51 1.12 -3.50
CA GLU B 261 3.30 1.86 -3.88
C GLU B 261 2.03 1.17 -3.36
N ALA B 262 1.92 -0.13 -3.57
CA ALA B 262 0.77 -0.89 -3.07
C ALA B 262 0.62 -0.76 -1.54
N ILE B 263 1.73 -0.86 -0.82
CA ILE B 263 1.71 -0.68 0.63
C ILE B 263 1.15 0.69 0.98
N ILE B 264 1.65 1.73 0.30
CA ILE B 264 1.13 3.08 0.51
C ILE B 264 -0.37 3.17 0.25
N GLU B 265 -0.84 2.50 -0.80
CA GLU B 265 -2.27 2.49 -1.12
C GLU B 265 -3.10 1.83 -0.02
N ARG B 266 -2.53 0.82 0.64
CA ARG B 266 -3.24 0.19 1.74
C ARG B 266 -3.13 0.97 3.07
N LEU B 267 -2.07 1.78 3.21
CA LEU B 267 -1.86 2.56 4.43
C LEU B 267 -2.72 3.81 4.45
N TYR B 268 -2.76 4.50 3.30
CA TYR B 268 -3.43 5.81 3.18
C TYR B 268 -4.83 5.93 3.80
N PRO B 269 -5.73 4.96 3.53
CA PRO B 269 -7.05 5.08 4.16
C PRO B 269 -6.96 5.18 5.67
N GLU B 270 -6.11 4.36 6.30
CA GLU B 270 -5.98 4.39 7.76
C GLU B 270 -5.42 5.70 8.28
N LEU B 271 -4.45 6.28 7.56
CA LEU B 271 -3.95 7.60 7.92
C LEU B 271 -5.06 8.64 7.82
N GLU B 272 -5.93 8.47 6.83
CA GLU B 272 -7.01 9.44 6.58
C GLU B 272 -7.99 9.48 7.76
N ARG B 273 -8.61 8.34 8.10
CA ARG B 273 -9.59 8.31 9.20
C ARG B 273 -9.01 8.68 10.56
N ARG B 274 -7.78 8.26 10.83
CA ARG B 274 -7.09 8.66 12.05
C ARG B 274 -6.93 10.17 12.06
N LEU B 275 -6.68 10.73 10.88
CA LEU B 275 -6.63 12.18 10.73
C LEU B 275 -8.04 12.76 10.79
N ALA B 276 -9.02 12.00 10.31
CA ALA B 276 -10.41 12.43 10.32
C ALA B 276 -10.95 12.51 11.75
N LYS B 277 -10.43 11.65 12.62
CA LYS B 277 -10.84 11.65 14.03
C LYS B 277 -10.51 12.97 14.74
N VAL B 278 -9.51 13.69 14.23
CA VAL B 278 -9.02 14.90 14.90
C VAL B 278 -9.07 16.19 14.06
N LYS B 279 -8.96 16.07 12.75
CA LYS B 279 -9.08 17.22 11.85
C LYS B 279 -9.81 16.86 10.56
N PRO B 280 -11.16 16.97 10.57
CA PRO B 280 -12.05 16.51 9.49
C PRO B 280 -11.77 17.17 8.14
N ASP B 281 -11.16 18.37 8.18
CA ASP B 281 -10.82 19.05 6.94
C ASP B 281 -9.43 18.65 6.41
N LEU B 282 -8.77 17.77 7.14
CA LEU B 282 -7.49 17.19 6.73
C LEU B 282 -6.41 18.24 6.46
N LEU B 283 -6.58 19.43 7.02
CA LEU B 283 -5.59 20.49 6.89
C LEU B 283 -4.40 20.17 7.77
N ILE B 284 -3.19 20.26 7.23
CA ILE B 284 -1.99 19.90 7.97
C ILE B 284 -0.92 20.95 7.82
N ALA B 285 0.27 20.67 8.36
CA ALA B 285 1.40 21.57 8.24
C ALA B 285 2.52 20.92 7.43
N ARG B 286 2.60 19.60 7.54
CA ARG B 286 3.64 18.82 6.86
C ARG B 286 3.19 17.38 6.63
N GLN B 287 3.68 16.77 5.55
CA GLN B 287 3.45 15.34 5.35
C GLN B 287 4.66 14.70 4.68
N GLY B 288 4.77 13.37 4.81
CA GLY B 288 5.93 12.68 4.30
C GLY B 288 5.88 11.18 4.46
N VAL B 289 7.01 10.54 4.13
CA VAL B 289 7.08 9.09 4.12
C VAL B 289 8.30 8.59 4.87
N LYS B 290 8.26 7.31 5.26
CA LYS B 290 9.43 6.68 5.85
C LYS B 290 9.69 5.32 5.20
N LEU B 291 10.97 5.03 4.98
CA LEU B 291 11.37 3.69 4.53
C LEU B 291 12.38 3.16 5.54
N LYS B 292 12.29 1.88 5.87
CA LYS B 292 13.28 1.24 6.74
C LYS B 292 13.85 0.07 5.95
N PHE B 293 15.17 -0.10 5.99
CA PHE B 293 15.84 -1.07 5.11
C PHE B 293 16.30 -2.33 5.84
N ASP B 294 16.80 -3.31 5.08
CA ASP B 294 17.19 -4.61 5.63
C ASP B 294 18.33 -4.51 6.64
N ASP B 295 19.12 -3.45 6.57
CA ASP B 295 20.19 -3.21 7.55
C ASP B 295 19.66 -2.47 8.78
N PHE B 296 18.33 -2.32 8.84
CA PHE B 296 17.60 -1.69 9.95
C PHE B 296 17.72 -0.17 9.98
N GLN B 297 18.56 0.38 9.12
CA GLN B 297 18.64 1.83 8.98
C GLN B 297 17.32 2.33 8.40
N GLN B 298 16.87 3.49 8.85
CA GLN B 298 15.63 4.05 8.33
C GLN B 298 15.84 5.49 7.91
N THR B 299 15.02 5.94 6.97
CA THR B 299 15.07 7.32 6.51
C THR B 299 13.64 7.84 6.43
N THR B 300 13.49 9.13 6.69
CA THR B 300 12.22 9.80 6.54
C THR B 300 12.39 10.98 5.61
N GLN B 301 11.37 11.26 4.81
CA GLN B 301 11.40 12.41 3.91
C GLN B 301 10.04 13.08 3.94
N GLU B 302 9.98 14.29 4.50
CA GLU B 302 8.72 15.02 4.60
C GLU B 302 8.91 16.47 4.20
N HIS B 303 7.80 17.15 3.95
CA HIS B 303 7.86 18.54 3.53
C HIS B 303 6.62 19.33 3.96
N VAL B 304 6.73 20.66 3.86
CA VAL B 304 5.60 21.54 4.08
C VAL B 304 4.52 21.21 3.07
N TRP B 305 3.30 21.00 3.57
CA TRP B 305 2.18 20.64 2.73
C TRP B 305 0.91 21.01 3.48
N PRO B 306 -0.03 21.69 2.80
CA PRO B 306 -1.26 22.19 3.42
C PRO B 306 -2.26 21.10 3.77
N ARG B 307 -2.26 19.99 3.04
CA ARG B 307 -3.35 19.02 3.15
C ARG B 307 -2.98 17.57 2.85
N LEU B 308 -3.46 16.64 3.66
CA LEU B 308 -3.29 15.21 3.43
C LEU B 308 -3.59 14.86 1.97
N ASN B 309 -2.53 14.47 1.24
CA ASN B 309 -2.68 14.13 -0.18
C ASN B 309 -1.88 12.89 -0.61
N LYS B 310 -2.60 11.84 -1.00
CA LYS B 310 -2.00 10.55 -1.35
C LYS B 310 -1.00 10.66 -2.50
N ALA B 311 -1.33 11.45 -3.50
CA ALA B 311 -0.48 11.60 -4.68
C ALA B 311 0.92 12.11 -4.32
N ASP B 312 0.98 13.16 -3.52
CA ASP B 312 2.25 13.76 -3.12
C ASP B 312 3.07 12.83 -2.21
N LEU B 313 2.36 12.00 -1.45
CA LEU B 313 3.02 10.98 -0.64
C LEU B 313 3.67 9.91 -1.54
N ILE B 314 2.92 9.44 -2.53
CA ILE B 314 3.47 8.49 -3.50
C ILE B 314 4.68 9.07 -4.22
N ALA B 315 4.55 10.30 -4.69
CA ALA B 315 5.64 10.97 -5.39
C ALA B 315 6.89 11.08 -4.52
N THR B 316 6.70 11.58 -3.30
CA THR B 316 7.79 11.69 -2.33
C THR B 316 8.45 10.33 -2.09
N ALA B 317 7.63 9.30 -1.93
CA ALA B 317 8.14 7.96 -1.70
C ALA B 317 8.93 7.45 -2.88
N ARG B 318 8.55 7.85 -4.09
CA ARG B 318 9.27 7.43 -5.29
C ARG B 318 10.64 8.08 -5.27
N LYS B 319 10.69 9.35 -4.87
CA LYS B 319 11.99 10.00 -4.68
C LYS B 319 12.84 9.31 -3.60
N THR B 320 12.21 8.90 -2.50
CA THR B 320 12.94 8.28 -1.40
C THR B 320 13.49 6.91 -1.82
N TRP B 321 12.64 6.13 -2.49
CA TRP B 321 12.99 4.81 -3.02
C TRP B 321 14.14 4.93 -4.01
N ASP B 322 14.06 5.88 -4.93
CA ASP B 322 15.09 6.04 -5.96
C ASP B 322 16.41 6.59 -5.42
N GLU B 323 16.33 7.54 -4.50
CA GLU B 323 17.52 8.28 -4.09
C GLU B 323 18.23 7.71 -2.85
N ARG B 324 17.51 7.01 -1.99
CA ARG B 324 18.05 6.63 -0.68
C ARG B 324 18.14 5.13 -0.41
N ARG B 325 17.49 4.32 -1.24
CA ARG B 325 17.43 2.88 -0.99
C ARG B 325 18.80 2.23 -1.07
N GLY B 326 19.63 2.68 -2.00
CA GLY B 326 20.99 2.21 -2.11
C GLY B 326 21.11 0.72 -2.43
N GLY B 327 20.14 0.20 -3.18
CA GLY B 327 20.17 -1.19 -3.61
C GLY B 327 19.60 -2.16 -2.58
N ARG B 328 19.24 -1.64 -1.42
CA ARG B 328 18.84 -2.46 -0.28
C ARG B 328 17.36 -2.87 -0.36
N GLY B 329 16.99 -3.93 0.34
CA GLY B 329 15.59 -4.33 0.43
C GLY B 329 14.90 -3.48 1.47
N VAL B 330 13.57 -3.42 1.42
CA VAL B 330 12.80 -2.56 2.32
C VAL B 330 11.90 -3.38 3.24
N ARG B 331 12.05 -3.20 4.55
CA ARG B 331 11.30 -4.00 5.52
C ARG B 331 10.09 -3.25 6.09
N LEU B 332 10.07 -1.93 5.94
CA LEU B 332 8.97 -1.13 6.46
C LEU B 332 8.66 0.02 5.53
N VAL B 333 7.38 0.35 5.38
CA VAL B 333 7.02 1.66 4.83
C VAL B 333 6.00 2.39 5.71
N GLY B 334 6.18 3.70 5.84
CA GLY B 334 5.29 4.48 6.66
C GLY B 334 4.87 5.79 6.01
N LEU B 335 3.75 6.30 6.48
CA LEU B 335 3.25 7.61 6.10
C LEU B 335 3.14 8.42 7.38
N HIS B 336 3.46 9.71 7.30
CA HIS B 336 3.49 10.57 8.47
C HIS B 336 3.00 11.98 8.16
N VAL B 337 2.22 12.54 9.07
CA VAL B 337 1.72 13.90 8.94
C VAL B 337 2.03 14.69 10.21
N THR B 338 2.48 15.93 10.05
CA THR B 338 2.62 16.86 11.16
C THR B 338 1.35 17.71 11.25
N LEU B 339 0.72 17.71 12.42
CA LEU B 339 -0.54 18.42 12.62
C LEU B 339 -0.38 19.95 12.62
N LEU B 340 -1.50 20.65 12.61
CA LEU B 340 -1.50 22.11 12.68
C LEU B 340 -1.54 22.60 14.12
N ASP B 341 -0.97 23.78 14.36
CA ASP B 341 -0.66 24.21 15.73
C ASP B 341 -1.88 24.44 16.65
N PRO B 342 -2.61 25.56 16.49
CA PRO B 342 -3.64 25.74 17.52
C PRO B 342 -4.85 24.82 17.30
OP2 RDG C 7 3.33 0.89 -30.65
P RDG C 7 2.39 0.15 -31.63
OP1 RDG C 7 2.59 0.62 -33.05
O5' RDG C 7 0.86 0.39 -31.24
C5' RDG C 7 0.54 1.37 -30.34
C4' RDG C 7 -0.66 1.05 -29.53
C3' RDG C 7 -1.17 2.20 -28.80
O3' RDG C 7 -2.08 2.89 -29.62
C2' RDG C 7 -1.84 1.59 -27.70
C1' RDG C 7 -1.17 0.28 -27.49
O4' RDG C 7 -0.31 0.08 -28.57
N9 RDG C 7 -0.42 0.21 -26.25
C4 RDG C 7 -1.02 0.10 -25.01
N3 RDG C 7 -2.37 0.04 -24.66
C2 RDG C 7 -2.71 -0.07 -23.37
N1 RDG C 7 -1.79 -0.13 -22.38
C6 RDG C 7 -0.46 -0.07 -22.66
O6 RDG C 7 0.42 -0.12 -21.69
C5 RDG C 7 -0.05 0.05 -24.06
N7 RDG C 7 1.17 0.12 -24.73
C8 RDG C 7 0.92 0.22 -26.04
N2 RDG C 7 -4.12 -0.14 -23.10
C11 RDG C 7 -5.00 -0.35 -24.25
C10 RDG C 7 -6.46 -0.48 -23.95
C9 RDG C 7 -7.13 0.22 -22.93
O7 RDG C 7 -7.28 -1.26 -24.57
C12 RDG C 7 -8.51 -1.16 -24.07
C7 RDG C 7 -8.50 -0.23 -23.03
OP2 RDG E 7 1.27 8.48 15.12
P RDG E 7 0.33 8.25 16.27
OP1 RDG E 7 -1.15 8.38 15.78
O5' RDG E 7 0.63 9.29 17.45
C5' RDG E 7 1.83 9.95 17.48
C4' RDG E 7 2.58 10.00 18.77
C3' RDG E 7 3.48 11.15 18.87
O3' RDG E 7 2.86 12.25 19.49
C2' RDG E 7 4.52 10.69 19.71
C1' RDG E 7 4.55 9.23 19.56
O4' RDG E 7 3.41 8.87 18.82
N9 RDG E 7 5.74 8.74 18.89
C4 RDG E 7 7.00 8.70 19.48
N3 RDG E 7 7.42 9.09 20.74
C2 RDG E 7 8.72 8.96 21.09
N1 RDG E 7 9.63 8.45 20.22
C6 RDG E 7 9.27 8.06 18.97
O6 RDG E 7 10.18 7.56 18.15
C5 RDG E 7 7.88 8.18 18.56
N7 RDG E 7 7.14 7.90 17.40
C8 RDG E 7 5.86 8.24 17.61
N2 RDG E 7 9.09 9.38 22.41
C11 RDG E 7 8.02 9.87 23.28
C10 RDG E 7 8.40 10.37 24.64
C9 RDG E 7 7.51 10.73 25.67
O7 RDG E 7 9.63 10.52 25.03
C12 RDG E 7 9.68 10.98 26.28
C7 RDG E 7 8.36 11.13 26.75
O2 1FZ G . -0.58 -11.13 -26.95
O4 1FZ G . -2.16 -10.60 -22.71
C4 1FZ G . -2.38 -10.88 -24.06
C5 1FZ G . -3.67 -11.14 -24.52
C6 1FZ G . -3.84 -11.41 -25.87
C5M 1FZ G . -4.86 -11.15 -23.56
N3 1FZ G . -1.35 -10.88 -24.93
C2 1FZ G . -1.55 -11.14 -26.22
N1 1FZ G . -2.77 -11.41 -26.70
C1' 1FZ G . -3.00 -11.69 -28.13
C2' 1FZ G . -3.15 -13.13 -28.37
C3' 1FZ G . -4.60 -13.30 -28.52
O3' 1FZ G . -4.86 -14.38 -29.38
O4' 1FZ G . -4.16 -11.04 -28.66
C4' 1FZ G . -5.03 -12.06 -29.12
C5' 1FZ G . -6.46 -11.79 -28.76
O5' 1FZ G . -6.76 -11.54 -27.41
PA 1FZ G . -7.88 -12.30 -26.62
O1A 1FZ G . -8.04 -11.53 -25.35
O2A 1FZ G . -9.23 -12.32 -27.40
N3A 1FZ G . -7.39 -13.87 -26.23
PB 1FZ G . -7.72 -15.01 -27.36
O1B 1FZ G . -8.44 -14.41 -28.51
O2B 1FZ G . -6.38 -15.63 -27.82
O3B 1FZ G . -8.58 -16.18 -26.69
PG 1FZ G . -10.16 -16.07 -26.49
O1G 1FZ G . -10.66 -14.78 -27.10
O3G 1FZ G . -10.47 -16.11 -25.01
O2G 1FZ G . -10.81 -17.25 -27.15
MG MG H . -10.23 -13.34 -28.86
MG MG I . -9.70 -10.06 -28.61
O2 1FZ J . 3.58 -1.44 23.49
O4 1FZ J . 8.01 -0.86 24.47
C4 1FZ J . 6.66 -0.85 24.85
C5 1FZ J . 6.31 -0.53 26.16
C6 1FZ J . 4.96 -0.54 26.51
C5M 1FZ J . 7.38 -0.19 27.19
N3 1FZ J . 5.70 -1.15 23.96
C2 1FZ J . 4.40 -1.16 24.33
N1 1FZ J . 4.01 -0.85 25.58
C1' 1FZ J . 2.61 -0.86 25.97
C2' 1FZ J . 2.28 -2.12 26.63
C3' 1FZ J . 2.35 -1.78 28.05
O3' 1FZ J . 1.58 -2.69 28.83
O4' 1FZ J . 2.25 0.19 26.88
C4' 1FZ J . 1.77 -0.46 28.05
C5' 1FZ J . 2.23 0.31 29.26
O5' 1FZ J . 3.61 0.61 29.34
PA 1FZ J . 4.46 0.32 30.61
O1A 1FZ J . 3.78 0.93 31.88
O2A 1FZ J . 5.78 0.99 30.38
N3A 1FZ J . 4.74 -1.35 30.82
PB 1FZ J . 3.61 -2.20 31.63
O1B 1FZ J . 3.07 -3.31 30.70
O2B 1FZ J . 2.44 -1.34 32.03
O3B 1FZ J . 4.28 -2.89 32.91
PG 1FZ J . 4.56 -2.14 34.29
O1G 1FZ J . 4.00 -0.72 34.25
O3G 1FZ J . 3.91 -2.91 35.41
O2G 1FZ J . 6.04 -2.06 34.56
MG MG K . 2.42 0.39 33.30
MG MG L . 5.42 2.75 32.46
#